data_3HPZ
#
_entry.id   3HPZ
#
_cell.length_a   54.244
_cell.length_b   154.849
_cell.length_c   68.967
_cell.angle_alpha   90.00
_cell.angle_beta   98.23
_cell.angle_gamma   90.00
#
_symmetry.space_group_name_H-M   'P 1 21 1'
#
loop_
_entity.id
_entity.type
_entity.pdbx_description
1 polymer '2-isopropylmalate synthase'
2 non-polymer 'ZINC ION'
3 non-polymer 'CHLORIDE ION'
4 non-polymer GLYCEROL
5 non-polymer Bromopyruvate
6 water water
#
_entity_poly.entity_id   1
_entity_poly.type   'polypeptide(L)'
_entity_poly.pdbx_seq_one_letter_code
;MTTSESPDAYTESFGAHTIVKPAGPPRVGQPSWNPQRASSMPVNRYRPFAEEVEPIRLRNRTWPDRVIDRAPLWCAVDLR
DGNQALIDPMSPARKRRMFDLLVRMGYKEIEVGFPSASQTDFDFVREIIEQGAIPDDVTIQVLTQCRPELIERTFQACSG
APRAIVHFYNSTSILQRRVVFRANRAEVQAIATDGARKCVEQAAKYPGTQWRFEYSPESYTGTELEYAKQVCDAVGEVIA
PTPERPIIFNLPATVEMTTPNVYADSIEWMSRNLANRESVILSLHPHNDRGTAVAAAELGFAAGADRIEGCLFGNGERTG
NVCLVTLGLNLFSRGVDPQIDFSNIDEIRRTVEYCNQLPVHERHPYGGDLVYTAFSGSHQDAINKGLDAMKLDADAADCD
VDDMLWQVPYLPIDPRDVGRTYEAVIRVNSQSGKGGVAYIMKTDHGLSLPRRLQIEFSQVIQKIAEGTAGEGGEVSPKEM
WDAFAEEYLAPVRPLERIRQHVDAADDDGGTTSITATVKINGVETEISGSGNGPLAAFVHALADVGFDVAVLDYYEHAMS
AGDDAQAAAYVEASVTIASPAQPGEAGRHASDPVTIASPAQPGEAGRHASDPVTSKTVWGVGIAPSITTASLRAVVSAVN
RAAR
;
_entity_poly.pdbx_strand_id   A,B
#
# COMPACT_ATOMS: atom_id res chain seq x y z
N THR A 18 1.07 -18.62 2.24
CA THR A 18 0.06 -18.28 3.29
C THR A 18 0.61 -17.76 4.65
N ILE A 19 -0.33 -17.30 5.50
CA ILE A 19 -0.03 -16.67 6.79
C ILE A 19 -0.03 -17.73 7.85
N VAL A 20 1.13 -17.85 8.49
CA VAL A 20 1.39 -18.83 9.52
C VAL A 20 1.50 -18.11 10.86
N LYS A 21 0.62 -18.47 11.80
CA LYS A 21 0.71 -17.86 13.11
C LYS A 21 2.16 -17.84 13.68
N PRO A 22 2.68 -16.67 14.05
CA PRO A 22 4.00 -16.68 14.73
C PRO A 22 4.04 -17.64 15.93
N ALA A 23 5.09 -18.47 16.05
CA ALA A 23 5.09 -19.57 17.05
C ALA A 23 6.41 -19.82 17.82
N GLY A 24 7.41 -18.97 17.58
CA GLY A 24 8.76 -19.12 18.14
C GLY A 24 8.79 -18.58 19.54
N PRO A 25 9.85 -18.87 20.27
CA PRO A 25 9.98 -18.41 21.64
C PRO A 25 9.90 -16.87 21.78
N PRO A 26 9.12 -16.35 22.75
CA PRO A 26 9.16 -14.93 23.17
C PRO A 26 10.58 -14.52 23.53
N ARG A 27 10.86 -13.22 23.50
CA ARG A 27 12.18 -12.71 23.88
C ARG A 27 12.46 -13.04 25.34
N VAL A 28 13.74 -13.23 25.64
CA VAL A 28 14.20 -13.33 27.03
C VAL A 28 13.79 -11.99 27.71
N GLY A 29 13.25 -12.06 28.93
CA GLY A 29 12.79 -10.87 29.66
C GLY A 29 11.52 -10.19 29.13
N GLN A 30 10.85 -10.82 28.15
CA GLN A 30 9.53 -10.37 27.65
C GLN A 30 8.50 -10.45 28.77
N PRO A 31 7.72 -9.37 28.98
CA PRO A 31 6.76 -9.39 30.08
C PRO A 31 5.79 -10.60 30.05
N SER A 32 5.44 -11.09 31.24
CA SER A 32 4.43 -12.10 31.40
C SER A 32 3.11 -11.71 30.71
N TRP A 33 2.81 -10.41 30.67
CA TRP A 33 1.53 -9.90 30.12
C TRP A 33 1.54 -9.65 28.60
N ASN A 34 2.72 -9.81 28.01
CA ASN A 34 2.89 -9.92 26.57
C ASN A 34 3.11 -11.41 26.09
N PRO A 35 2.03 -12.07 25.60
CA PRO A 35 2.11 -13.44 25.08
C PRO A 35 2.51 -13.61 23.66
N GLN A 36 2.86 -12.52 23.00
CA GLN A 36 3.37 -12.56 21.63
C GLN A 36 4.54 -13.54 21.41
N ARG A 37 4.47 -14.26 20.30
CA ARG A 37 5.48 -15.21 19.89
C ARG A 37 6.32 -14.65 18.77
N ALA A 38 7.52 -15.16 18.66
CA ALA A 38 8.35 -14.84 17.51
C ALA A 38 7.82 -15.35 16.15
N SER A 39 8.00 -14.55 15.11
CA SER A 39 7.55 -14.93 13.77
C SER A 39 8.71 -15.55 13.06
N SER A 40 8.49 -16.07 11.87
CA SER A 40 9.58 -16.63 11.08
C SER A 40 10.03 -15.72 9.93
N MET A 41 9.78 -14.43 10.04
CA MET A 41 10.20 -13.49 9.03
C MET A 41 11.69 -13.35 9.20
N PRO A 42 12.41 -13.23 8.07
CA PRO A 42 13.86 -13.13 8.12
C PRO A 42 14.38 -11.72 8.58
N VAL A 43 14.17 -11.40 9.85
CA VAL A 43 14.67 -10.17 10.39
C VAL A 43 16.20 -10.02 10.18
N ASN A 44 16.92 -11.13 9.97
CA ASN A 44 18.37 -10.99 9.97
C ASN A 44 18.92 -10.57 8.65
N ARG A 45 18.04 -10.37 7.67
CA ARG A 45 18.46 -9.81 6.39
C ARG A 45 18.55 -8.29 6.43
N TYR A 46 18.15 -7.73 7.57
CA TYR A 46 17.88 -6.28 7.83
C TYR A 46 18.57 -5.84 9.09
N ARG A 47 19.18 -4.64 9.08
CA ARG A 47 19.99 -4.15 10.20
C ARG A 47 19.47 -2.86 10.77
N PRO A 48 19.73 -2.60 12.05
CA PRO A 48 19.35 -1.24 12.52
C PRO A 48 19.93 -0.14 11.62
N PHE A 49 19.32 1.04 11.62
CA PHE A 49 19.88 2.15 10.81
C PHE A 49 21.34 2.55 11.16
N ALA A 50 21.66 2.61 12.46
CA ALA A 50 23.03 2.95 12.92
C ALA A 50 24.08 2.02 12.36
N GLU A 51 23.72 0.75 12.19
CA GLU A 51 24.60 -0.29 11.65
C GLU A 51 24.61 -0.26 10.12
N GLU A 52 23.43 -0.13 9.50
CA GLU A 52 23.32 0.01 8.03
C GLU A 52 24.01 1.27 7.54
N VAL A 53 23.88 2.36 8.30
CA VAL A 53 24.52 3.55 7.86
C VAL A 53 25.50 4.05 8.89
N GLU A 54 25.05 4.68 9.96
CA GLU A 54 25.99 5.18 10.95
C GLU A 54 25.11 5.68 12.05
N PRO A 55 25.63 5.75 13.31
CA PRO A 55 24.92 6.40 14.40
C PRO A 55 24.82 7.97 14.32
N ILE A 56 23.85 8.51 15.06
CA ILE A 56 23.56 9.94 15.15
C ILE A 56 24.76 10.74 15.60
N ARG A 57 25.20 11.73 14.80
CA ARG A 57 26.34 12.59 15.17
C ARG A 57 25.97 13.83 16.03
N LEU A 58 24.68 14.08 16.26
CA LEU A 58 24.26 15.39 16.74
C LEU A 58 24.24 15.49 18.25
N ARG A 59 25.05 16.39 18.77
CA ARG A 59 25.01 16.78 20.17
C ARG A 59 24.10 18.01 20.33
N ASN A 60 23.29 18.03 21.37
CA ASN A 60 22.49 19.22 21.64
C ASN A 60 21.51 19.62 20.48
N ARG A 61 20.70 18.66 20.03
CA ARG A 61 19.54 18.95 19.20
C ARG A 61 18.62 20.03 19.81
N THR A 62 18.07 20.86 18.93
CA THR A 62 17.14 21.92 19.36
C THR A 62 15.84 21.82 18.60
N TRP A 63 15.76 20.98 17.54
CA TRP A 63 14.49 20.79 16.82
C TRP A 63 13.35 20.27 17.77
N PRO A 64 13.70 19.46 18.77
CA PRO A 64 12.57 19.03 19.55
C PRO A 64 11.93 20.12 20.37
N ASP A 65 12.62 21.26 20.53
CA ASP A 65 12.08 22.40 21.30
C ASP A 65 11.56 23.51 20.45
N ARG A 66 11.61 23.40 19.11
CA ARG A 66 11.21 24.47 18.22
C ARG A 66 9.84 24.14 17.62
N VAL A 67 8.87 25.07 17.73
CA VAL A 67 7.55 24.95 17.08
C VAL A 67 7.56 25.78 15.77
N ILE A 68 7.10 25.20 14.65
CA ILE A 68 7.14 25.89 13.35
C ILE A 68 6.23 27.12 13.46
N ASP A 69 6.75 28.28 13.02
CA ASP A 69 5.91 29.50 12.98
C ASP A 69 5.91 30.28 11.67
N ARG A 70 6.46 29.69 10.61
CA ARG A 70 6.39 30.32 9.30
C ARG A 70 6.39 29.25 8.23
N ALA A 71 5.82 29.57 7.09
CA ALA A 71 5.86 28.68 5.97
C ALA A 71 7.29 28.43 5.46
N PRO A 72 7.59 27.17 5.08
CA PRO A 72 8.84 27.00 4.38
C PRO A 72 8.66 27.56 2.96
N LEU A 73 9.74 27.62 2.21
CA LEU A 73 9.68 27.69 0.78
C LEU A 73 9.33 26.31 0.21
N TRP A 74 8.27 26.31 -0.59
CA TRP A 74 7.72 25.15 -1.19
C TRP A 74 8.21 25.03 -2.60
N CYS A 75 8.46 23.81 -3.04
CA CYS A 75 8.74 23.53 -4.42
C CYS A 75 7.97 22.28 -4.73
N ALA A 76 7.22 22.31 -5.83
CA ALA A 76 6.34 21.21 -6.19
C ALA A 76 7.02 20.43 -7.25
N VAL A 77 7.19 19.13 -7.03
CA VAL A 77 7.77 18.27 -8.03
C VAL A 77 6.75 17.38 -8.77
N ASP A 78 5.45 17.74 -8.74
CA ASP A 78 4.39 16.95 -9.42
C ASP A 78 4.68 16.65 -10.89
N LEU A 79 5.20 17.63 -11.62
CA LEU A 79 5.50 17.44 -13.07
C LEU A 79 6.69 16.56 -13.40
N ARG A 80 7.55 16.24 -12.46
CA ARG A 80 8.65 15.36 -12.82
C ARG A 80 8.64 14.13 -11.97
N ASP A 81 8.91 14.33 -10.70
CA ASP A 81 8.91 13.23 -9.75
C ASP A 81 7.56 12.50 -9.74
N GLY A 82 6.46 13.25 -9.73
CA GLY A 82 5.16 12.63 -9.72
C GLY A 82 4.85 11.95 -11.02
N ASN A 83 5.05 12.68 -12.10
CA ASN A 83 4.77 12.16 -13.44
C ASN A 83 5.50 10.87 -13.83
N GLN A 84 6.77 10.79 -13.47
CA GLN A 84 7.65 9.57 -13.57
C GLN A 84 7.07 8.31 -12.87
N ALA A 85 6.22 8.54 -11.86
CA ALA A 85 5.65 7.51 -11.04
C ALA A 85 4.27 7.03 -11.52
N LEU A 86 3.80 7.55 -12.66
CA LEU A 86 2.42 7.33 -13.10
C LEU A 86 2.32 6.20 -14.11
N ILE A 87 1.36 5.28 -13.91
CA ILE A 87 1.06 4.24 -14.91
C ILE A 87 0.68 4.88 -16.26
N ASP A 88 -0.22 5.86 -16.19
CA ASP A 88 -0.55 6.70 -17.35
C ASP A 88 0.05 8.08 -17.17
N PRO A 89 1.19 8.35 -17.84
CA PRO A 89 1.80 9.65 -17.67
C PRO A 89 1.05 10.82 -18.33
N MET A 90 1.24 12.01 -17.80
CA MET A 90 0.51 13.17 -18.22
C MET A 90 0.70 13.53 -19.69
N SER A 91 -0.43 13.70 -20.37
CA SER A 91 -0.49 14.25 -21.74
C SER A 91 -0.02 15.69 -21.65
N PRO A 92 0.40 16.29 -22.79
CA PRO A 92 0.63 17.75 -22.68
C PRO A 92 -0.49 18.61 -22.05
N ALA A 93 -1.76 18.28 -22.23
CA ALA A 93 -2.87 19.04 -21.59
C ALA A 93 -3.00 18.90 -20.09
N ARG A 94 -2.87 17.65 -19.63
CA ARG A 94 -2.73 17.30 -18.24
C ARG A 94 -1.56 18.08 -17.57
N LYS A 95 -0.41 18.17 -18.23
CA LYS A 95 0.72 18.98 -17.73
C LYS A 95 0.41 20.47 -17.54
N ARG A 96 -0.10 21.14 -18.59
CA ARG A 96 -0.55 22.52 -18.46
C ARG A 96 -1.52 22.70 -17.31
N ARG A 97 -2.45 21.76 -17.17
CA ARG A 97 -3.44 21.80 -16.11
C ARG A 97 -2.83 21.67 -14.70
N MET A 98 -1.74 20.89 -14.59
CA MET A 98 -1.06 20.67 -13.30
C MET A 98 -0.23 21.91 -13.00
N PHE A 99 0.53 22.33 -14.01
CA PHE A 99 1.32 23.53 -13.95
C PHE A 99 0.54 24.74 -13.48
N ASP A 100 -0.58 24.97 -14.12
CA ASP A 100 -1.49 26.05 -13.87
C ASP A 100 -2.15 25.98 -12.47
N LEU A 101 -2.48 24.78 -12.01
CA LEU A 101 -3.01 24.64 -10.64
C LEU A 101 -1.93 25.09 -9.66
N LEU A 102 -0.68 24.69 -9.91
CA LEU A 102 0.36 24.95 -8.90
C LEU A 102 0.63 26.45 -8.78
N VAL A 103 0.74 27.11 -9.94
CA VAL A 103 0.85 28.55 -10.09
C VAL A 103 -0.30 29.27 -9.38
N ARG A 104 -1.51 28.82 -9.66
CA ARG A 104 -2.69 29.47 -9.09
C ARG A 104 -2.83 29.22 -7.57
N MET A 105 -2.25 28.13 -7.05
CA MET A 105 -2.22 27.87 -5.58
C MET A 105 -1.23 28.71 -4.79
N GLY A 106 -0.15 29.15 -5.45
CA GLY A 106 0.82 30.06 -4.83
C GLY A 106 2.26 29.58 -4.89
N TYR A 107 2.53 28.54 -5.69
CA TYR A 107 3.86 27.93 -5.74
C TYR A 107 4.73 28.79 -6.64
N LYS A 108 5.97 28.97 -6.20
CA LYS A 108 6.90 29.88 -6.83
C LYS A 108 8.05 29.09 -7.39
N GLU A 109 8.13 27.81 -7.04
CA GLU A 109 9.16 26.95 -7.58
C GLU A 109 8.54 25.63 -7.93
N ILE A 110 8.82 25.17 -9.16
CA ILE A 110 8.03 24.12 -9.81
C ILE A 110 8.98 23.32 -10.66
N GLU A 111 9.14 22.04 -10.33
CA GLU A 111 10.01 21.18 -11.11
C GLU A 111 9.19 20.72 -12.32
N VAL A 112 9.69 21.06 -13.51
CA VAL A 112 8.95 20.84 -14.77
C VAL A 112 9.50 19.72 -15.68
N GLY A 113 10.63 19.14 -15.31
CA GLY A 113 11.12 18.02 -16.06
C GLY A 113 12.56 17.58 -15.88
N PHE A 114 12.89 16.55 -16.66
CA PHE A 114 14.19 15.97 -16.83
C PHE A 114 14.51 16.00 -18.37
N PRO A 115 14.68 17.20 -18.97
CA PRO A 115 14.73 17.42 -20.43
C PRO A 115 15.65 16.48 -21.16
N SER A 116 16.82 16.28 -20.54
CA SER A 116 17.91 15.47 -21.09
C SER A 116 17.62 13.94 -21.12
N ALA A 117 16.61 13.50 -20.36
CA ALA A 117 16.29 12.08 -20.31
C ALA A 117 14.96 11.76 -21.02
N SER A 118 14.20 12.80 -21.37
CA SER A 118 12.88 12.57 -21.92
C SER A 118 12.57 13.62 -22.93
N GLN A 119 12.32 13.20 -24.18
CA GLN A 119 11.89 14.19 -25.20
C GLN A 119 10.60 14.95 -24.84
N THR A 120 9.60 14.24 -24.32
CA THR A 120 8.33 14.88 -23.88
C THR A 120 8.56 15.97 -22.83
N ASP A 121 9.56 15.75 -21.97
CA ASP A 121 9.98 16.69 -20.93
C ASP A 121 10.64 17.87 -21.60
N PHE A 122 11.57 17.59 -22.51
CA PHE A 122 12.21 18.63 -23.31
C PHE A 122 11.19 19.56 -23.99
N ASP A 123 10.22 18.98 -24.71
CA ASP A 123 9.21 19.71 -25.50
C ASP A 123 8.35 20.53 -24.57
N PHE A 124 7.97 19.94 -23.41
CA PHE A 124 7.16 20.69 -22.44
C PHE A 124 7.86 21.96 -21.89
N VAL A 125 9.16 21.83 -21.66
CA VAL A 125 9.96 22.93 -21.15
C VAL A 125 10.00 23.96 -22.28
N ARG A 126 10.27 23.51 -23.51
CA ARG A 126 10.34 24.40 -24.65
C ARG A 126 9.00 25.11 -24.75
N GLU A 127 7.91 24.36 -24.64
CA GLU A 127 6.57 24.97 -24.67
C GLU A 127 6.29 26.09 -23.64
N ILE A 128 6.46 25.86 -22.33
CA ILE A 128 6.17 26.93 -21.34
C ILE A 128 7.11 28.15 -21.43
N ILE A 129 8.30 27.95 -21.99
CA ILE A 129 9.21 29.07 -22.19
C ILE A 129 8.80 29.85 -23.43
N GLU A 130 8.57 29.15 -24.53
CA GLU A 130 8.25 29.80 -25.77
C GLU A 130 6.84 30.39 -25.80
N GLN A 131 5.88 29.71 -25.20
CA GLN A 131 4.52 30.23 -25.04
C GLN A 131 4.42 31.46 -24.12
N GLY A 132 5.45 31.73 -23.33
CA GLY A 132 5.42 32.82 -22.33
C GLY A 132 4.51 32.47 -21.14
N ALA A 133 4.48 31.18 -20.77
CA ALA A 133 3.56 30.60 -19.76
C ALA A 133 3.96 30.75 -18.25
N ILE A 134 5.13 31.35 -17.98
CA ILE A 134 5.77 31.41 -16.66
C ILE A 134 5.65 32.80 -16.00
N PRO A 135 4.77 32.96 -14.98
CA PRO A 135 4.62 34.21 -14.24
C PRO A 135 5.95 34.79 -13.83
N ASP A 136 5.98 36.08 -13.53
CA ASP A 136 7.24 36.71 -13.22
C ASP A 136 7.87 36.25 -11.88
N ASP A 137 7.08 35.77 -10.92
CA ASP A 137 7.62 35.38 -9.59
C ASP A 137 7.81 33.86 -9.47
N VAL A 138 7.75 33.18 -10.60
CA VAL A 138 7.82 31.73 -10.62
C VAL A 138 9.19 31.32 -11.20
N THR A 139 9.91 30.44 -10.52
CA THR A 139 11.11 29.88 -11.09
C THR A 139 10.88 28.44 -11.47
N ILE A 140 11.22 28.05 -12.69
CA ILE A 140 11.12 26.64 -13.06
C ILE A 140 12.40 25.89 -12.70
N GLN A 141 12.24 24.59 -12.50
CA GLN A 141 13.29 23.72 -12.04
C GLN A 141 13.37 22.49 -12.91
N VAL A 142 14.57 22.14 -13.33
CA VAL A 142 14.77 21.04 -14.22
C VAL A 142 15.83 20.14 -13.58
N LEU A 143 15.65 18.82 -13.76
CA LEU A 143 16.49 17.83 -13.13
C LEU A 143 17.48 17.31 -14.16
N THR A 144 18.74 17.17 -13.74
CA THR A 144 19.77 16.52 -14.53
C THR A 144 20.77 15.69 -13.74
N GLN A 145 21.31 14.70 -14.43
CA GLN A 145 22.43 13.90 -13.95
C GLN A 145 23.69 14.61 -14.40
N CYS A 146 24.82 14.25 -13.83
CA CYS A 146 26.01 15.07 -13.90
C CYS A 146 26.78 14.93 -15.18
N ARG A 147 26.38 14.00 -16.06
CA ARG A 147 27.13 13.77 -17.30
C ARG A 147 27.10 15.11 -18.04
N PRO A 148 28.27 15.53 -18.60
CA PRO A 148 28.43 16.78 -19.36
C PRO A 148 27.37 16.97 -20.47
N GLU A 149 27.14 15.91 -21.26
CA GLU A 149 26.14 15.91 -22.35
C GLU A 149 24.67 16.04 -21.88
N LEU A 150 24.42 15.72 -20.61
CA LEU A 150 23.11 15.85 -20.04
C LEU A 150 22.99 17.27 -19.47
N ILE A 151 24.04 17.79 -18.88
CA ILE A 151 24.00 19.19 -18.43
C ILE A 151 23.78 20.15 -19.58
N GLU A 152 24.58 19.97 -20.62
CA GLU A 152 24.44 20.68 -21.87
C GLU A 152 23.00 20.71 -22.36
N ARG A 153 22.41 19.52 -22.53
CA ARG A 153 21.05 19.41 -23.05
C ARG A 153 19.94 19.98 -22.14
N THR A 154 20.20 19.98 -20.84
CA THR A 154 19.35 20.63 -19.85
C THR A 154 19.35 22.17 -19.99
N PHE A 155 20.54 22.74 -20.22
CA PHE A 155 20.62 24.18 -20.51
C PHE A 155 19.97 24.56 -21.84
N GLN A 156 20.24 23.75 -22.88
CA GLN A 156 19.55 23.81 -24.18
C GLN A 156 18.03 23.95 -23.99
N ALA A 157 17.44 23.13 -23.13
CA ALA A 157 15.98 23.14 -22.91
C ALA A 157 15.48 24.40 -22.19
N CYS A 158 16.29 24.96 -21.29
CA CYS A 158 15.90 26.16 -20.60
C CYS A 158 16.19 27.44 -21.34
N SER A 159 16.81 27.32 -22.51
CA SER A 159 17.16 28.46 -23.36
C SER A 159 16.04 29.50 -23.45
N GLY A 160 16.39 30.74 -23.11
CA GLY A 160 15.43 31.82 -23.12
C GLY A 160 14.49 31.85 -21.93
N ALA A 161 14.75 31.03 -20.90
CA ALA A 161 14.02 31.16 -19.63
C ALA A 161 14.47 32.42 -18.83
N PRO A 162 13.49 33.17 -18.27
CA PRO A 162 13.88 34.31 -17.46
C PRO A 162 14.75 33.95 -16.24
N ARG A 163 14.45 32.83 -15.59
CA ARG A 163 15.18 32.37 -14.42
C ARG A 163 14.88 30.89 -14.33
N ALA A 164 15.87 30.10 -13.98
CA ALA A 164 15.68 28.64 -13.84
C ALA A 164 16.52 28.08 -12.67
N ILE A 165 16.04 27.01 -12.02
CA ILE A 165 16.87 26.21 -11.11
C ILE A 165 17.42 25.03 -11.95
N VAL A 166 18.74 24.88 -12.00
CA VAL A 166 19.29 23.67 -12.56
C VAL A 166 19.68 22.77 -11.40
N HIS A 167 19.03 21.60 -11.36
CA HIS A 167 19.16 20.68 -10.26
C HIS A 167 19.93 19.46 -10.66
N PHE A 168 21.19 19.41 -10.26
CA PHE A 168 21.98 18.26 -10.62
C PHE A 168 22.25 17.37 -9.38
N TYR A 169 22.46 16.07 -9.63
CA TYR A 169 22.57 15.14 -8.54
C TYR A 169 23.39 13.95 -8.97
N ASN A 170 23.97 13.27 -7.99
CA ASN A 170 24.56 11.96 -8.20
C ASN A 170 24.39 11.16 -6.91
N SER A 171 24.24 9.84 -7.01
CA SER A 171 24.08 9.02 -5.80
C SER A 171 25.35 8.91 -4.91
N THR A 172 25.18 9.16 -3.61
CA THR A 172 26.32 9.19 -2.66
C THR A 172 26.30 8.12 -1.54
N SER A 173 25.23 7.31 -1.45
CA SER A 173 25.08 6.34 -0.38
C SER A 173 26.23 5.35 -0.36
N ILE A 174 26.53 4.85 0.83
CA ILE A 174 27.38 3.68 1.00
C ILE A 174 27.09 2.52 0.02
N LEU A 175 25.83 2.11 -0.10
CA LEU A 175 25.43 1.03 -1.02
C LEU A 175 25.77 1.31 -2.47
N GLN A 176 25.30 2.45 -2.98
CA GLN A 176 25.58 2.82 -4.35
C GLN A 176 27.03 3.04 -4.77
N ARG A 177 27.79 3.74 -3.95
CA ARG A 177 29.23 3.84 -4.17
C ARG A 177 29.77 2.43 -4.43
N ARG A 178 29.34 1.47 -3.61
CA ARG A 178 29.83 0.08 -3.77
C ARG A 178 29.28 -0.71 -4.95
N VAL A 179 27.97 -0.81 -5.03
CA VAL A 179 27.37 -1.75 -5.96
C VAL A 179 26.87 -1.08 -7.25
N VAL A 180 26.53 0.19 -7.21
CA VAL A 180 26.13 0.85 -8.46
C VAL A 180 27.33 1.45 -9.24
N PHE A 181 28.18 2.18 -8.55
CA PHE A 181 29.29 2.86 -9.22
C PHE A 181 30.66 2.20 -9.04
N ARG A 182 30.80 1.37 -8.02
CA ARG A 182 32.10 0.71 -7.75
C ARG A 182 33.21 1.76 -7.62
N ALA A 183 32.90 2.83 -6.90
CA ALA A 183 33.73 4.01 -6.91
C ALA A 183 33.97 4.37 -5.48
N ASN A 184 35.15 4.89 -5.19
CA ASN A 184 35.41 5.39 -3.87
C ASN A 184 34.87 6.84 -3.68
N ARG A 185 35.08 7.38 -2.47
CA ARG A 185 34.65 8.67 -2.09
C ARG A 185 35.11 9.86 -2.96
N ALA A 186 36.39 9.88 -3.28
CA ALA A 186 36.98 10.92 -4.12
C ALA A 186 36.39 10.96 -5.55
N GLU A 187 36.31 9.79 -6.16
CA GLU A 187 35.72 9.62 -7.47
C GLU A 187 34.29 10.14 -7.49
N VAL A 188 33.49 9.71 -6.51
CA VAL A 188 32.10 10.15 -6.34
C VAL A 188 31.90 11.67 -6.01
N GLN A 189 32.81 12.28 -5.26
CA GLN A 189 32.80 13.74 -5.07
C GLN A 189 33.12 14.42 -6.37
N ALA A 190 34.07 13.84 -7.13
CA ALA A 190 34.41 14.40 -8.44
C ALA A 190 33.27 14.36 -9.48
N ILE A 191 32.50 13.27 -9.53
CA ILE A 191 31.26 13.30 -10.34
C ILE A 191 30.44 14.55 -10.02
N ALA A 192 30.22 14.82 -8.74
CA ALA A 192 29.43 15.95 -8.32
C ALA A 192 30.09 17.29 -8.64
N THR A 193 31.36 17.45 -8.30
CA THR A 193 32.04 18.74 -8.56
C THR A 193 32.34 18.98 -10.02
N ASP A 194 32.50 17.94 -10.82
CA ASP A 194 32.63 18.16 -12.27
C ASP A 194 31.34 18.59 -12.90
N GLY A 195 30.24 18.07 -12.36
CA GLY A 195 28.90 18.46 -12.73
C GLY A 195 28.72 19.93 -12.50
N ALA A 196 29.07 20.39 -11.30
CA ALA A 196 29.05 21.79 -10.88
C ALA A 196 29.92 22.65 -11.80
N ARG A 197 31.15 22.19 -12.12
CA ARG A 197 32.01 22.95 -13.06
C ARG A 197 31.36 23.12 -14.43
N LYS A 198 30.82 22.03 -14.95
CA LYS A 198 30.08 22.03 -16.21
C LYS A 198 28.88 23.02 -16.15
N CYS A 199 28.22 23.03 -14.99
CA CYS A 199 27.10 23.90 -14.76
C CYS A 199 27.54 25.37 -14.84
N VAL A 200 28.67 25.71 -14.20
CA VAL A 200 29.15 27.09 -14.16
C VAL A 200 29.55 27.53 -15.59
N GLU A 201 30.15 26.60 -16.30
CA GLU A 201 30.55 26.81 -17.70
C GLU A 201 29.34 27.11 -18.59
N GLN A 202 28.33 26.25 -18.52
CA GLN A 202 27.15 26.36 -19.36
C GLN A 202 26.37 27.63 -19.07
N ALA A 203 26.32 28.03 -17.81
CA ALA A 203 25.59 29.24 -17.39
C ALA A 203 26.21 30.51 -17.94
N ALA A 204 27.55 30.54 -18.02
CA ALA A 204 28.24 31.61 -18.70
C ALA A 204 27.92 31.63 -20.22
N LYS A 205 27.76 30.46 -20.85
CA LYS A 205 27.36 30.35 -22.25
C LYS A 205 25.89 30.76 -22.52
N TYR A 206 25.12 31.08 -21.48
CA TYR A 206 23.71 31.43 -21.67
C TYR A 206 23.33 32.73 -20.93
N PRO A 207 23.42 33.88 -21.62
CA PRO A 207 23.21 35.14 -20.90
C PRO A 207 21.74 35.44 -20.60
N GLY A 208 21.52 36.32 -19.62
CA GLY A 208 20.21 36.94 -19.36
C GLY A 208 19.26 36.13 -18.48
N THR A 209 19.16 34.81 -18.76
CA THR A 209 18.55 33.84 -17.84
C THR A 209 19.17 33.94 -16.45
N GLN A 210 18.34 34.08 -15.43
CA GLN A 210 18.87 34.08 -14.06
C GLN A 210 19.12 32.65 -13.59
N TRP A 211 20.33 32.14 -13.78
CA TRP A 211 20.64 30.75 -13.42
C TRP A 211 20.82 30.53 -11.90
N ARG A 212 20.14 29.52 -11.36
CA ARG A 212 20.18 29.14 -9.95
C ARG A 212 20.49 27.65 -9.90
N PHE A 213 21.26 27.19 -8.91
CA PHE A 213 21.65 25.77 -8.83
C PHE A 213 21.17 25.06 -7.61
N GLU A 214 20.88 23.79 -7.77
CA GLU A 214 20.48 22.94 -6.67
C GLU A 214 21.27 21.67 -6.86
N TYR A 215 21.94 21.26 -5.79
CA TYR A 215 22.68 20.00 -5.76
C TYR A 215 22.03 19.04 -4.74
N SER A 216 21.71 17.81 -5.15
CA SER A 216 21.34 16.74 -4.19
C SER A 216 22.38 15.63 -4.02
N PRO A 217 22.86 15.36 -2.79
CA PRO A 217 23.54 14.07 -2.61
C PRO A 217 22.47 12.95 -2.64
N GLU A 218 22.24 12.34 -3.80
CA GLU A 218 21.13 11.44 -3.93
C GLU A 218 21.39 10.24 -3.02
N SER A 219 20.31 9.71 -2.43
CA SER A 219 20.32 8.65 -1.43
C SER A 219 21.04 9.16 -0.20
N TYR A 220 20.81 10.43 0.10
CA TYR A 220 21.40 11.03 1.27
C TYR A 220 21.20 10.26 2.60
N THR A 221 20.00 9.74 2.79
CA THR A 221 19.71 9.01 4.01
C THR A 221 20.59 7.75 4.16
N GLY A 222 21.18 7.24 3.08
CA GLY A 222 22.11 6.11 3.22
C GLY A 222 23.63 6.44 3.10
N THR A 223 23.95 7.72 3.32
CA THR A 223 25.26 8.37 3.22
C THR A 223 25.67 8.88 4.60
N GLU A 224 26.95 8.65 4.89
CA GLU A 224 27.67 9.30 5.99
C GLU A 224 27.47 10.83 5.93
N LEU A 225 26.96 11.42 7.01
CA LEU A 225 26.82 12.89 7.05
C LEU A 225 28.13 13.65 6.73
N GLU A 226 29.23 13.29 7.39
CA GLU A 226 30.49 14.01 7.18
C GLU A 226 30.81 14.02 5.70
N TYR A 227 30.51 12.92 5.02
CA TYR A 227 30.77 12.79 3.59
C TYR A 227 29.80 13.68 2.79
N ALA A 228 28.52 13.66 3.17
CA ALA A 228 27.52 14.43 2.45
C ALA A 228 27.95 15.90 2.58
N LYS A 229 28.33 16.35 3.79
CA LYS A 229 28.86 17.70 4.01
C LYS A 229 30.05 17.98 3.08
N GLN A 230 31.01 17.06 3.01
CA GLN A 230 32.15 17.24 2.09
C GLN A 230 31.75 17.41 0.64
N VAL A 231 30.88 16.55 0.17
CA VAL A 231 30.46 16.64 -1.23
C VAL A 231 29.73 17.97 -1.46
N CYS A 232 28.76 18.27 -0.58
CA CYS A 232 28.02 19.54 -0.60
C CYS A 232 28.95 20.74 -0.58
N ASP A 233 29.77 20.89 0.48
CA ASP A 233 30.76 22.01 0.57
C ASP A 233 31.60 22.15 -0.75
N ALA A 234 32.07 21.03 -1.30
CA ALA A 234 32.94 21.05 -2.48
C ALA A 234 32.18 21.55 -3.68
N VAL A 235 30.91 21.18 -3.73
CA VAL A 235 30.04 21.64 -4.82
C VAL A 235 29.78 23.14 -4.66
N GLY A 236 29.57 23.60 -3.43
CA GLY A 236 29.44 25.06 -3.15
C GLY A 236 30.65 25.90 -3.53
N GLU A 237 31.84 25.34 -3.31
CA GLU A 237 33.11 25.97 -3.71
C GLU A 237 33.22 26.18 -5.22
N VAL A 238 32.70 25.26 -6.02
CA VAL A 238 32.61 25.36 -7.50
C VAL A 238 31.62 26.45 -7.99
N ILE A 239 30.37 26.33 -7.53
CA ILE A 239 29.29 27.27 -7.84
C ILE A 239 29.58 28.70 -7.34
N ALA A 240 30.22 28.80 -6.18
CA ALA A 240 30.40 30.07 -5.44
C ALA A 240 29.07 30.80 -5.18
N PRO A 241 28.18 30.21 -4.35
CA PRO A 241 26.99 30.99 -4.08
C PRO A 241 27.23 32.18 -3.15
N THR A 242 26.30 33.13 -3.18
CA THR A 242 26.32 34.34 -2.32
C THR A 242 25.03 34.42 -1.55
N PRO A 243 24.99 35.18 -0.45
CA PRO A 243 23.64 35.34 0.18
C PRO A 243 22.54 35.82 -0.78
N GLU A 244 22.95 36.56 -1.83
CA GLU A 244 22.03 37.19 -2.78
C GLU A 244 21.62 36.15 -3.75
N ARG A 245 22.58 35.29 -4.11
CA ARG A 245 22.38 34.28 -5.17
C ARG A 245 22.76 32.88 -4.64
N PRO A 246 21.99 32.38 -3.67
CA PRO A 246 22.34 31.19 -2.93
C PRO A 246 22.21 29.91 -3.74
N ILE A 247 22.89 28.88 -3.24
CA ILE A 247 22.69 27.51 -3.69
C ILE A 247 21.62 26.75 -2.83
N ILE A 248 20.96 25.81 -3.47
CA ILE A 248 20.09 24.89 -2.80
C ILE A 248 20.84 23.60 -2.58
N PHE A 249 21.00 23.16 -1.32
CA PHE A 249 21.45 21.77 -1.03
C PHE A 249 20.22 21.01 -0.63
N ASN A 250 19.87 20.06 -1.48
CA ASN A 250 18.62 19.33 -1.35
C ASN A 250 18.98 17.97 -0.85
N LEU A 251 18.39 17.54 0.27
CA LEU A 251 18.89 16.36 1.02
C LEU A 251 17.82 15.30 1.13
N PRO A 252 17.74 14.41 0.16
CA PRO A 252 16.60 13.53 0.08
C PRO A 252 16.65 12.25 0.90
N ALA A 253 15.49 11.89 1.45
CA ALA A 253 15.21 10.54 1.87
C ALA A 253 14.71 9.75 0.67
N THR A 254 15.63 9.47 -0.26
CA THR A 254 15.33 8.74 -1.49
C THR A 254 14.62 7.43 -1.16
N VAL A 255 15.20 6.71 -0.20
CA VAL A 255 14.46 5.79 0.54
C VAL A 255 14.38 6.41 1.92
N GLU A 256 13.15 6.45 2.44
CA GLU A 256 12.89 6.70 3.86
C GLU A 256 13.34 5.47 4.69
N MET A 257 14.44 5.66 5.43
CA MET A 257 15.21 4.57 6.05
C MET A 257 14.99 4.39 7.53
N THR A 258 14.64 5.46 8.23
CA THR A 258 14.45 5.36 9.67
C THR A 258 13.43 6.36 10.17
N THR A 259 13.35 6.52 11.47
CA THR A 259 12.33 7.37 12.08
C THR A 259 12.62 8.88 11.78
N PRO A 260 11.56 9.70 11.75
CA PRO A 260 11.73 11.11 11.35
C PRO A 260 12.66 11.97 12.24
N ASN A 261 12.74 11.66 13.55
CA ASN A 261 13.61 12.31 14.54
C ASN A 261 15.04 12.07 14.10
N VAL A 262 15.31 10.91 13.51
CA VAL A 262 16.69 10.65 13.05
C VAL A 262 16.97 11.43 11.76
N TYR A 263 16.04 11.43 10.79
CA TYR A 263 16.19 12.34 9.65
C TYR A 263 16.46 13.76 10.14
N ALA A 264 15.63 14.22 11.07
CA ALA A 264 15.71 15.60 11.57
C ALA A 264 17.05 15.85 12.21
N ASP A 265 17.63 14.85 12.90
CA ASP A 265 18.96 15.01 13.57
C ASP A 265 19.97 15.28 12.46
N SER A 266 19.81 14.53 11.37
CA SER A 266 20.68 14.65 10.22
C SER A 266 20.63 16.08 9.59
N ILE A 267 19.41 16.59 9.43
CA ILE A 267 19.16 17.93 8.89
C ILE A 267 19.76 19.02 9.80
N GLU A 268 19.47 18.94 11.09
CA GLU A 268 20.08 19.87 12.04
C GLU A 268 21.63 19.87 12.02
N TRP A 269 22.21 18.68 11.96
CA TRP A 269 23.65 18.52 11.84
C TRP A 269 24.19 19.16 10.54
N MET A 270 23.62 18.82 9.40
CA MET A 270 23.99 19.49 8.17
C MET A 270 23.83 21.02 8.22
N SER A 271 22.67 21.52 8.67
CA SER A 271 22.40 22.94 8.79
C SER A 271 23.49 23.67 9.62
N ARG A 272 23.99 22.97 10.63
CA ARG A 272 25.01 23.51 11.52
C ARG A 272 26.45 23.41 11.03
N ASN A 273 26.72 22.56 10.05
CA ASN A 273 28.07 22.18 9.72
C ASN A 273 28.51 22.49 8.30
N LEU A 274 27.53 22.71 7.41
CA LEU A 274 27.82 23.09 6.05
C LEU A 274 28.54 24.45 6.03
N ALA A 275 29.50 24.59 5.10
CA ALA A 275 30.27 25.82 4.93
C ALA A 275 29.43 26.89 4.23
N ASN A 276 29.71 28.16 4.53
CA ASN A 276 29.06 29.24 3.86
C ASN A 276 27.51 29.12 3.98
N ARG A 277 27.04 28.82 5.20
CA ARG A 277 25.59 28.60 5.49
C ARG A 277 24.59 29.68 5.05
N GLU A 278 25.04 30.95 5.08
CA GLU A 278 24.17 32.08 4.69
C GLU A 278 23.78 32.08 3.23
N SER A 279 24.63 31.47 2.38
CA SER A 279 24.41 31.23 0.95
C SER A 279 23.79 29.86 0.59
N VAL A 280 23.25 29.19 1.56
CA VAL A 280 22.68 27.90 1.29
C VAL A 280 21.18 27.98 1.63
N ILE A 281 20.37 27.53 0.67
CA ILE A 281 18.98 27.25 0.93
C ILE A 281 18.95 25.76 1.19
N LEU A 282 18.65 25.39 2.43
CA LEU A 282 18.62 23.97 2.79
C LEU A 282 17.23 23.37 2.57
N SER A 283 17.22 22.36 1.70
CA SER A 283 16.01 21.74 1.17
C SER A 283 15.88 20.25 1.54
N LEU A 284 14.63 19.85 1.81
CA LEU A 284 14.26 18.48 2.19
C LEU A 284 13.45 17.83 1.09
N HIS A 285 13.71 16.56 0.87
CA HIS A 285 12.98 15.79 -0.16
C HIS A 285 12.61 14.42 0.41
N PRO A 286 11.61 14.36 1.32
CA PRO A 286 11.30 13.10 1.96
C PRO A 286 10.37 12.20 1.14
N HIS A 287 10.73 10.91 1.02
CA HIS A 287 9.79 9.88 0.52
C HIS A 287 9.10 9.18 1.66
N ASN A 288 8.14 8.33 1.35
CA ASN A 288 7.24 7.83 2.41
C ASN A 288 7.34 6.32 2.71
N ASP A 289 8.49 5.70 2.41
CA ASP A 289 8.72 4.22 2.64
C ASP A 289 8.31 3.62 4.00
N ARG A 290 8.47 4.42 5.05
CA ARG A 290 8.12 4.05 6.42
C ARG A 290 6.83 4.70 6.91
N GLY A 291 6.17 5.38 5.98
CA GLY A 291 4.88 6.04 6.26
C GLY A 291 5.01 7.35 7.06
N THR A 292 6.22 7.91 7.09
CA THR A 292 6.47 9.04 7.97
C THR A 292 7.05 10.24 7.23
N ALA A 293 6.75 10.39 5.95
CA ALA A 293 7.30 11.48 5.13
C ALA A 293 6.95 12.91 5.62
N VAL A 294 5.69 13.12 6.03
CA VAL A 294 5.22 14.41 6.60
C VAL A 294 5.97 14.75 7.92
N ALA A 295 6.01 13.78 8.83
CA ALA A 295 6.78 13.89 10.05
C ALA A 295 8.22 14.21 9.70
N ALA A 296 8.89 13.42 8.86
CA ALA A 296 10.28 13.79 8.53
C ALA A 296 10.44 15.26 8.09
N ALA A 297 9.49 15.74 7.31
CA ALA A 297 9.49 17.13 6.83
C ALA A 297 9.29 18.19 7.89
N GLU A 298 8.38 17.92 8.81
CA GLU A 298 8.02 18.91 9.77
C GLU A 298 9.09 19.01 10.85
N LEU A 299 9.68 17.87 11.18
CA LEU A 299 10.78 17.81 12.16
C LEU A 299 12.07 18.34 11.51
N GLY A 300 12.32 17.92 10.27
CA GLY A 300 13.41 18.47 9.49
C GLY A 300 13.29 19.97 9.31
N PHE A 301 12.05 20.48 9.21
CA PHE A 301 11.88 21.93 9.08
C PHE A 301 12.24 22.60 10.39
N ALA A 302 11.76 22.06 11.51
CA ALA A 302 12.13 22.56 12.83
C ALA A 302 13.63 22.49 13.10
N ALA A 303 14.31 21.61 12.39
CA ALA A 303 15.75 21.36 12.45
C ALA A 303 16.56 22.36 11.65
N GLY A 304 15.91 23.24 10.89
CA GLY A 304 16.67 24.28 10.19
C GLY A 304 16.70 24.24 8.67
N ALA A 305 15.96 23.29 8.08
CA ALA A 305 15.70 23.35 6.64
C ALA A 305 14.98 24.66 6.27
N ASP A 306 15.10 25.06 5.00
CA ASP A 306 14.55 26.31 4.48
C ASP A 306 13.40 26.04 3.50
N ARG A 307 13.40 24.83 2.96
CA ARG A 307 12.61 24.48 1.81
C ARG A 307 12.22 23.03 1.86
N ILE A 308 11.10 22.73 1.23
CA ILE A 308 10.58 21.37 1.17
C ILE A 308 10.09 21.07 -0.25
N GLU A 309 10.55 19.94 -0.84
CA GLU A 309 10.03 19.42 -2.13
C GLU A 309 9.07 18.25 -1.89
N GLY A 310 7.91 18.33 -2.52
CA GLY A 310 6.87 17.34 -2.45
C GLY A 310 5.92 17.47 -3.63
N CYS A 311 4.80 16.72 -3.53
CA CYS A 311 3.74 16.66 -4.51
C CYS A 311 2.43 16.84 -3.80
N LEU A 312 1.41 17.30 -4.54
CA LEU A 312 0.04 17.34 -4.01
C LEU A 312 -0.44 15.93 -3.86
N PHE A 313 -1.02 15.66 -2.72
CA PHE A 313 -1.47 14.34 -2.33
C PHE A 313 -0.42 13.25 -2.43
N GLY A 314 0.86 13.64 -2.41
CA GLY A 314 1.93 12.71 -2.11
C GLY A 314 2.21 11.72 -3.23
N ASN A 315 2.12 12.20 -4.47
CA ASN A 315 2.45 11.38 -5.62
C ASN A 315 3.98 11.28 -5.75
N GLY A 316 4.53 10.27 -6.44
CA GLY A 316 6.00 10.02 -6.50
C GLY A 316 6.33 8.52 -6.50
N GLU A 317 7.56 8.10 -6.82
CA GLU A 317 7.81 6.65 -6.92
C GLU A 317 7.36 5.85 -5.64
N ARG A 318 6.86 4.62 -5.85
CA ARG A 318 6.44 3.69 -4.79
CA ARG A 318 6.51 3.69 -4.73
C ARG A 318 5.48 4.29 -3.76
N THR A 319 5.95 4.61 -2.56
CA THR A 319 5.07 5.21 -1.52
C THR A 319 4.85 6.73 -1.67
N GLY A 320 5.60 7.40 -2.52
CA GLY A 320 5.37 8.80 -2.82
C GLY A 320 6.35 9.77 -2.22
N ASN A 321 6.25 11.03 -2.64
CA ASN A 321 6.95 12.15 -2.06
C ASN A 321 6.10 12.65 -0.93
N VAL A 322 6.63 13.53 -0.07
CA VAL A 322 5.82 14.15 0.99
C VAL A 322 4.59 14.89 0.39
N CYS A 323 3.47 14.77 1.08
CA CYS A 323 2.27 15.49 0.72
C CYS A 323 2.29 16.99 1.08
N LEU A 324 2.36 17.79 0.02
CA LEU A 324 2.29 19.23 0.10
C LEU A 324 1.06 19.77 0.77
N VAL A 325 -0.06 19.08 0.58
CA VAL A 325 -1.37 19.51 1.06
C VAL A 325 -1.50 19.30 2.55
N THR A 326 -1.10 18.11 2.99
CA THR A 326 -1.00 17.78 4.39
C THR A 326 -0.07 18.75 5.12
N LEU A 327 1.12 18.94 4.61
CA LEU A 327 2.09 19.93 5.18
C LEU A 327 1.52 21.36 5.31
N GLY A 328 0.92 21.86 4.23
CA GLY A 328 0.36 23.18 4.18
C GLY A 328 -0.79 23.33 5.17
N LEU A 329 -1.67 22.34 5.25
CA LEU A 329 -2.83 22.49 6.11
C LEU A 329 -2.52 22.12 7.57
N ASN A 330 -1.40 21.41 7.77
CA ASN A 330 -0.86 21.21 9.14
C ASN A 330 -0.36 22.52 9.72
N LEU A 331 0.01 23.45 8.84
CA LEU A 331 0.39 24.80 9.22
C LEU A 331 -0.87 25.59 9.52
N PHE A 332 -1.79 25.71 8.55
CA PHE A 332 -3.08 26.48 8.70
C PHE A 332 -3.91 26.17 9.99
N SER A 333 -4.06 24.88 10.27
CA SER A 333 -4.89 24.40 11.39
C SER A 333 -4.25 24.61 12.77
N ARG A 334 -2.97 25.00 12.78
CA ARG A 334 -2.28 25.45 13.98
C ARG A 334 -1.89 26.94 13.88
N GLY A 335 -2.54 27.71 12.99
CA GLY A 335 -2.49 29.17 13.04
C GLY A 335 -1.36 29.80 12.25
N VAL A 336 -0.73 29.00 11.40
CA VAL A 336 0.37 29.48 10.55
C VAL A 336 -0.05 29.50 9.09
N ASP A 337 0.17 30.65 8.46
CA ASP A 337 -0.18 30.80 7.05
C ASP A 337 0.77 29.99 6.16
N PRO A 338 0.25 28.97 5.42
CA PRO A 338 1.09 28.14 4.56
C PRO A 338 1.53 28.89 3.30
N GLN A 339 0.91 30.07 3.05
CA GLN A 339 1.24 30.96 1.94
C GLN A 339 0.86 30.32 0.63
N ILE A 340 -0.12 29.42 0.72
CA ILE A 340 -0.67 28.64 -0.39
C ILE A 340 -2.15 28.52 -0.12
N ASP A 341 -3.00 28.71 -1.13
CA ASP A 341 -4.48 28.69 -0.96
C ASP A 341 -5.05 27.28 -1.08
N PHE A 342 -5.65 26.76 0.01
CA PHE A 342 -6.34 25.48 -0.03
C PHE A 342 -7.83 25.74 0.32
N SER A 343 -8.33 26.95 0.03
CA SER A 343 -9.73 27.28 0.29
CA SER A 343 -9.72 27.31 0.28
C SER A 343 -10.70 26.43 -0.53
N ASN A 344 -10.19 25.78 -1.56
CA ASN A 344 -11.05 24.85 -2.24
C ASN A 344 -10.32 23.58 -2.61
N ILE A 345 -10.13 22.73 -1.61
CA ILE A 345 -9.45 21.45 -1.70
C ILE A 345 -10.11 20.43 -2.63
N ASP A 346 -11.43 20.49 -2.72
CA ASP A 346 -12.16 19.74 -3.78
C ASP A 346 -11.71 19.95 -5.24
N GLU A 347 -11.49 21.20 -5.61
CA GLU A 347 -10.96 21.51 -6.95
C GLU A 347 -9.56 21.00 -7.09
N ILE A 348 -8.73 21.23 -6.05
CA ILE A 348 -7.37 20.75 -6.04
C ILE A 348 -7.34 19.23 -6.25
N ARG A 349 -8.11 18.52 -5.43
CA ARG A 349 -8.18 17.08 -5.54
C ARG A 349 -8.72 16.60 -6.88
N ARG A 350 -9.78 17.27 -7.36
CA ARG A 350 -10.38 16.90 -8.63
C ARG A 350 -9.37 17.02 -9.82
N THR A 351 -8.51 18.02 -9.74
CA THR A 351 -7.52 18.30 -10.79
C THR A 351 -6.35 17.38 -10.69
N VAL A 352 -5.83 17.17 -9.48
CA VAL A 352 -4.75 16.20 -9.23
C VAL A 352 -5.15 14.80 -9.65
N GLU A 353 -6.36 14.37 -9.32
CA GLU A 353 -6.83 13.05 -9.82
C GLU A 353 -6.95 12.98 -11.35
N TYR A 354 -7.51 14.03 -11.98
CA TYR A 354 -7.52 14.19 -13.44
C TYR A 354 -6.09 14.06 -14.03
N CYS A 355 -5.18 14.98 -13.69
CA CYS A 355 -3.78 14.90 -14.16
C CYS A 355 -3.07 13.52 -13.90
N ASN A 356 -3.19 12.98 -12.69
CA ASN A 356 -2.42 11.75 -12.30
C ASN A 356 -3.06 10.45 -12.69
N GLN A 357 -4.36 10.52 -12.94
CA GLN A 357 -5.26 9.34 -13.04
C GLN A 357 -5.14 8.30 -11.89
N LEU A 358 -4.89 8.80 -10.68
CA LEU A 358 -4.85 8.02 -9.43
C LEU A 358 -5.67 8.75 -8.42
N PRO A 359 -6.48 8.01 -7.63
CA PRO A 359 -7.38 8.66 -6.68
C PRO A 359 -6.64 9.12 -5.44
N VAL A 360 -7.19 10.13 -4.78
CA VAL A 360 -6.86 10.48 -3.43
C VAL A 360 -7.65 9.47 -2.59
N HIS A 361 -6.98 8.74 -1.70
CA HIS A 361 -7.63 7.83 -0.81
C HIS A 361 -8.67 8.47 0.12
N GLU A 362 -9.68 7.65 0.48
CA GLU A 362 -10.82 8.08 1.28
C GLU A 362 -10.39 8.69 2.61
N ARG A 363 -9.20 8.36 3.08
CA ARG A 363 -8.75 8.72 4.45
C ARG A 363 -7.57 9.69 4.43
N HIS A 364 -7.21 10.13 3.22
CA HIS A 364 -6.11 11.01 3.10
C HIS A 364 -6.35 12.31 3.91
N PRO A 365 -5.35 12.75 4.76
CA PRO A 365 -5.62 13.98 5.51
C PRO A 365 -6.16 15.11 4.68
N TYR A 366 -7.14 15.78 5.25
CA TYR A 366 -7.81 16.99 4.72
C TYR A 366 -8.59 16.82 3.42
N GLY A 367 -8.05 16.08 2.48
CA GLY A 367 -8.71 15.87 1.19
C GLY A 367 -9.59 14.65 0.95
N GLY A 368 -9.45 13.61 1.78
CA GLY A 368 -10.08 12.33 1.51
C GLY A 368 -11.58 12.40 1.71
N ASP A 369 -12.33 11.52 1.07
CA ASP A 369 -13.81 11.51 1.15
C ASP A 369 -14.41 11.45 2.54
N LEU A 370 -13.75 10.70 3.44
CA LEU A 370 -14.32 10.41 4.73
C LEU A 370 -13.77 11.26 5.86
N VAL A 371 -12.89 12.23 5.59
CA VAL A 371 -12.20 12.90 6.73
C VAL A 371 -13.04 13.93 7.48
N TYR A 372 -14.09 14.46 6.88
CA TYR A 372 -14.98 15.33 7.67
C TYR A 372 -16.33 14.67 7.98
N THR A 373 -16.30 13.35 8.21
CA THR A 373 -17.50 12.51 8.43
C THR A 373 -17.54 11.96 9.84
N ALA A 374 -18.71 11.96 10.45
CA ALA A 374 -18.93 11.31 11.73
C ALA A 374 -20.08 10.27 11.62
N PHE A 375 -19.78 9.00 11.88
CA PHE A 375 -20.82 7.97 11.85
C PHE A 375 -21.37 7.73 13.23
N SER A 376 -20.56 8.06 14.22
CA SER A 376 -20.86 7.83 15.61
C SER A 376 -21.90 8.84 16.09
N GLY A 377 -23.03 8.33 16.59
CA GLY A 377 -24.11 9.15 17.19
C GLY A 377 -23.61 10.08 18.29
N SER A 378 -22.68 9.57 19.10
CA SER A 378 -21.93 10.28 20.13
C SER A 378 -21.05 11.41 19.59
N HIS A 379 -20.26 11.14 18.56
CA HIS A 379 -19.46 12.17 17.95
C HIS A 379 -20.32 13.27 17.34
N GLN A 380 -21.42 12.92 16.70
CA GLN A 380 -22.32 13.94 16.12
C GLN A 380 -22.93 14.86 17.15
N ASP A 381 -23.30 14.31 18.29
CA ASP A 381 -23.80 15.11 19.37
C ASP A 381 -22.76 16.15 19.90
N ALA A 382 -21.53 15.69 20.16
CA ALA A 382 -20.44 16.58 20.54
C ALA A 382 -20.10 17.67 19.50
N ILE A 383 -20.01 17.30 18.23
CA ILE A 383 -19.90 18.29 17.14
C ILE A 383 -20.97 19.40 17.21
N ASN A 384 -22.20 19.03 17.56
CA ASN A 384 -23.31 19.94 17.50
C ASN A 384 -23.27 20.80 18.75
N LYS A 385 -22.98 20.17 19.87
CA LYS A 385 -22.77 20.93 21.08
C LYS A 385 -21.64 21.99 20.94
N GLY A 386 -20.53 21.61 20.31
CA GLY A 386 -19.46 22.55 19.92
C GLY A 386 -19.93 23.66 19.01
N LEU A 387 -20.63 23.30 17.93
CA LEU A 387 -21.15 24.26 16.92
C LEU A 387 -22.09 25.30 17.52
N ASP A 388 -22.83 24.88 18.55
CA ASP A 388 -23.81 25.69 19.24
C ASP A 388 -23.19 26.72 20.16
N ALA A 389 -22.25 26.26 20.99
CA ALA A 389 -21.40 27.11 21.81
C ALA A 389 -20.72 28.19 20.96
N MET A 390 -20.13 27.80 19.84
CA MET A 390 -19.55 28.76 18.91
C MET A 390 -20.57 29.88 18.49
N LYS A 391 -21.77 29.50 18.03
CA LYS A 391 -22.89 30.45 17.72
C LYS A 391 -23.36 31.26 18.93
N LEU A 392 -23.47 30.63 20.09
CA LEU A 392 -23.74 31.39 21.32
C LEU A 392 -22.64 32.44 21.64
N ASP A 393 -21.38 32.10 21.39
CA ASP A 393 -20.31 33.06 21.62
C ASP A 393 -20.28 34.16 20.54
N ALA A 394 -20.76 33.81 19.33
CA ALA A 394 -20.75 34.70 18.15
C ALA A 394 -21.90 35.74 18.14
N ASP A 395 -23.08 35.29 18.59
CA ASP A 395 -24.25 36.17 18.75
C ASP A 395 -23.99 37.10 19.95
N ALA A 396 -23.29 36.59 20.97
CA ALA A 396 -22.89 37.41 22.11
C ALA A 396 -21.62 38.27 21.87
N ALA A 397 -21.19 38.46 20.62
CA ALA A 397 -20.05 39.36 20.32
C ALA A 397 -20.31 40.22 19.09
N ASP A 398 -21.59 40.26 18.67
CA ASP A 398 -22.05 40.81 17.38
C ASP A 398 -21.03 40.45 16.27
N CYS A 399 -20.96 39.14 16.00
CA CYS A 399 -19.93 38.45 15.18
C CYS A 399 -20.43 37.38 14.22
N ASP A 400 -19.67 37.19 13.15
CA ASP A 400 -19.88 36.06 12.29
C ASP A 400 -19.12 34.88 12.94
N VAL A 401 -19.85 33.81 13.27
CA VAL A 401 -19.20 32.55 13.71
C VAL A 401 -18.07 32.11 12.78
N ASP A 402 -18.25 32.37 11.49
CA ASP A 402 -17.28 32.03 10.48
C ASP A 402 -15.96 32.75 10.61
N ASP A 403 -15.87 33.65 11.58
CA ASP A 403 -14.62 34.33 11.89
C ASP A 403 -14.18 34.05 13.31
N MET A 404 -14.93 33.25 14.07
CA MET A 404 -14.53 32.87 15.44
C MET A 404 -13.49 31.78 15.36
N LEU A 405 -12.57 31.80 16.31
CA LEU A 405 -11.82 30.63 16.70
C LEU A 405 -12.68 29.39 16.61
N TRP A 406 -12.23 28.44 15.80
CA TRP A 406 -12.89 27.14 15.63
C TRP A 406 -12.72 26.22 16.85
N GLN A 407 -13.86 25.82 17.46
CA GLN A 407 -13.90 24.97 18.68
C GLN A 407 -14.93 23.86 18.56
N VAL A 408 -14.60 22.81 17.81
CA VAL A 408 -15.57 21.72 17.54
C VAL A 408 -14.83 20.41 17.67
N PRO A 409 -15.24 19.58 18.65
CA PRO A 409 -14.75 18.25 18.89
C PRO A 409 -14.76 17.46 17.62
N TYR A 410 -13.70 16.68 17.45
CA TYR A 410 -13.54 15.72 16.35
C TYR A 410 -13.30 16.37 15.01
N LEU A 411 -13.54 17.68 14.90
CA LEU A 411 -13.20 18.37 13.66
C LEU A 411 -12.03 19.32 13.90
N PRO A 412 -10.85 18.96 13.38
CA PRO A 412 -9.65 19.78 13.53
C PRO A 412 -9.80 21.14 12.86
N ILE A 413 -10.45 21.15 11.68
CA ILE A 413 -10.74 22.41 10.97
C ILE A 413 -12.21 22.56 10.64
N ASP A 414 -12.61 23.79 10.34
CA ASP A 414 -13.92 24.00 9.78
C ASP A 414 -13.89 23.44 8.36
N PRO A 415 -14.68 22.38 8.08
CA PRO A 415 -14.69 21.90 6.69
C PRO A 415 -14.88 23.03 5.65
N ARG A 416 -15.72 24.02 5.97
CA ARG A 416 -15.98 25.17 5.10
C ARG A 416 -14.71 25.94 4.73
N ASP A 417 -13.77 26.04 5.65
CA ASP A 417 -12.51 26.73 5.34
C ASP A 417 -11.66 26.09 4.24
N VAL A 418 -11.96 24.84 3.87
CA VAL A 418 -11.34 24.27 2.67
C VAL A 418 -12.35 23.92 1.57
N GLY A 419 -13.57 24.44 1.70
CA GLY A 419 -14.58 24.35 0.64
C GLY A 419 -15.31 23.02 0.71
N ARG A 420 -15.31 22.42 1.90
CA ARG A 420 -15.96 21.15 2.16
C ARG A 420 -17.11 21.35 3.16
N THR A 421 -17.77 20.26 3.49
CA THR A 421 -18.85 20.32 4.45
C THR A 421 -18.70 19.12 5.38
N TYR A 422 -19.10 19.33 6.63
CA TYR A 422 -19.34 18.26 7.60
C TYR A 422 -20.52 17.37 7.18
N GLU A 423 -20.21 16.07 7.07
CA GLU A 423 -21.20 15.03 6.84
C GLU A 423 -21.54 14.26 8.13
N ALA A 424 -22.74 14.51 8.67
CA ALA A 424 -23.31 13.65 9.72
C ALA A 424 -24.13 12.53 9.07
N VAL A 425 -23.48 11.42 8.73
CA VAL A 425 -24.15 10.33 7.99
C VAL A 425 -24.98 9.38 8.88
N ILE A 426 -26.28 9.28 8.52
CA ILE A 426 -27.24 8.30 9.09
C ILE A 426 -27.40 7.07 8.17
N GLY A 435 -21.22 -7.88 -1.48
CA GLY A 435 -21.47 -9.33 -1.34
C GLY A 435 -20.26 -10.25 -1.03
N GLY A 436 -19.08 -9.92 -1.57
CA GLY A 436 -17.85 -10.70 -1.30
C GLY A 436 -17.74 -12.02 -2.06
N VAL A 437 -18.36 -12.07 -3.24
CA VAL A 437 -18.40 -13.29 -4.08
C VAL A 437 -16.99 -13.66 -4.55
N ALA A 438 -16.32 -12.73 -5.25
CA ALA A 438 -14.97 -12.96 -5.77
C ALA A 438 -14.04 -13.39 -4.67
N TYR A 439 -14.14 -12.72 -3.50
CA TYR A 439 -13.23 -12.95 -2.39
C TYR A 439 -13.43 -14.33 -1.79
N ILE A 440 -14.67 -14.65 -1.44
CA ILE A 440 -15.02 -15.91 -0.78
C ILE A 440 -14.84 -17.10 -1.71
N MET A 441 -15.27 -16.94 -2.95
CA MET A 441 -15.10 -18.00 -3.91
C MET A 441 -13.62 -18.34 -4.15
N LYS A 442 -12.78 -17.31 -4.28
CA LYS A 442 -11.36 -17.54 -4.44
C LYS A 442 -10.67 -17.99 -3.15
N THR A 443 -10.93 -17.29 -2.04
CA THR A 443 -10.31 -17.64 -0.74
C THR A 443 -10.72 -19.05 -0.24
N ASP A 444 -12.02 -19.31 -0.19
CA ASP A 444 -12.53 -20.54 0.38
C ASP A 444 -12.49 -21.68 -0.61
N HIS A 445 -12.64 -21.36 -1.90
CA HIS A 445 -12.78 -22.41 -2.97
C HIS A 445 -11.72 -22.57 -4.08
N GLY A 446 -10.74 -21.68 -4.12
CA GLY A 446 -9.75 -21.73 -5.17
C GLY A 446 -10.30 -21.25 -6.50
N LEU A 447 -11.51 -20.70 -6.51
CA LEU A 447 -12.13 -20.22 -7.75
C LEU A 447 -11.95 -18.72 -8.13
N SER A 448 -11.29 -18.49 -9.26
CA SER A 448 -11.19 -17.19 -9.91
C SER A 448 -12.25 -17.04 -10.99
N LEU A 449 -13.44 -16.62 -10.56
CA LEU A 449 -14.58 -16.39 -11.42
C LEU A 449 -14.40 -15.21 -12.38
N PRO A 450 -14.56 -15.45 -13.70
CA PRO A 450 -14.54 -14.26 -14.56
C PRO A 450 -15.53 -13.22 -14.05
N ARG A 451 -15.15 -11.93 -14.22
CA ARG A 451 -15.94 -10.76 -13.76
C ARG A 451 -17.44 -10.84 -14.10
N ARG A 452 -17.78 -11.12 -15.37
CA ARG A 452 -19.20 -11.21 -15.79
C ARG A 452 -19.97 -12.32 -15.07
N LEU A 453 -19.26 -13.42 -14.75
CA LEU A 453 -19.78 -14.50 -13.91
C LEU A 453 -20.00 -14.06 -12.45
N GLN A 454 -19.01 -13.41 -11.83
CA GLN A 454 -19.25 -12.84 -10.51
C GLN A 454 -20.54 -12.03 -10.50
N ILE A 455 -20.69 -11.19 -11.53
CA ILE A 455 -21.87 -10.31 -11.71
C ILE A 455 -23.17 -11.14 -11.74
N GLU A 456 -23.26 -12.05 -12.71
CA GLU A 456 -24.38 -12.98 -12.92
C GLU A 456 -24.75 -13.76 -11.65
N PHE A 457 -23.73 -14.18 -10.92
CA PHE A 457 -23.95 -14.99 -9.73
C PHE A 457 -24.26 -14.12 -8.52
N SER A 458 -23.66 -12.93 -8.45
CA SER A 458 -23.94 -12.02 -7.34
C SER A 458 -25.43 -11.62 -7.36
N GLN A 459 -25.98 -11.42 -8.56
CA GLN A 459 -27.41 -11.15 -8.74
C GLN A 459 -28.25 -12.29 -8.11
N VAL A 460 -27.86 -13.53 -8.41
CA VAL A 460 -28.51 -14.73 -7.84
C VAL A 460 -28.42 -14.79 -6.31
N ILE A 461 -27.27 -14.38 -5.73
CA ILE A 461 -27.07 -14.41 -4.28
C ILE A 461 -27.88 -13.29 -3.55
N GLN A 462 -28.35 -12.29 -4.31
CA GLN A 462 -29.26 -11.24 -3.78
C GLN A 462 -30.61 -11.79 -3.23
N LYS A 463 -31.05 -12.96 -3.71
CA LYS A 463 -32.18 -13.68 -3.10
C LYS A 463 -31.68 -14.69 -2.08
N GLU A 474 -27.88 -11.35 5.30
CA GLU A 474 -26.83 -11.81 4.38
C GLU A 474 -26.72 -13.34 4.22
N VAL A 475 -26.20 -13.74 3.06
CA VAL A 475 -25.90 -15.16 2.79
C VAL A 475 -24.47 -15.52 3.28
N SER A 476 -24.37 -16.49 4.20
CA SER A 476 -23.07 -16.92 4.72
C SER A 476 -22.07 -17.42 3.61
N PRO A 477 -20.78 -17.60 3.96
CA PRO A 477 -19.91 -18.27 3.02
C PRO A 477 -20.35 -19.73 2.72
N LYS A 478 -20.56 -20.57 3.74
CA LYS A 478 -21.03 -21.97 3.54
C LYS A 478 -22.30 -21.98 2.69
N GLU A 479 -23.25 -21.10 3.02
CA GLU A 479 -24.49 -20.91 2.26
C GLU A 479 -24.27 -20.53 0.81
N MET A 480 -23.39 -19.54 0.54
CA MET A 480 -23.09 -19.04 -0.83
C MET A 480 -22.58 -20.12 -1.77
N TRP A 481 -21.70 -20.95 -1.21
CA TRP A 481 -21.14 -22.11 -1.86
C TRP A 481 -22.20 -23.19 -2.28
N ASP A 482 -23.14 -23.48 -1.37
CA ASP A 482 -24.22 -24.41 -1.64
C ASP A 482 -25.03 -23.92 -2.80
N ALA A 483 -25.20 -22.60 -2.90
CA ALA A 483 -25.96 -22.03 -3.99
C ALA A 483 -25.14 -22.05 -5.30
N PHE A 484 -23.83 -21.97 -5.16
CA PHE A 484 -23.00 -21.98 -6.34
C PHE A 484 -23.03 -23.39 -6.94
N ALA A 485 -22.70 -24.38 -6.14
CA ALA A 485 -22.89 -25.78 -6.50
C ALA A 485 -24.28 -26.15 -7.06
N GLU A 486 -25.37 -25.64 -6.44
CA GLU A 486 -26.72 -25.95 -6.89
C GLU A 486 -26.96 -25.34 -8.24
N GLU A 487 -26.46 -24.12 -8.45
CA GLU A 487 -26.56 -23.50 -9.79
C GLU A 487 -25.67 -24.07 -10.95
N TYR A 488 -24.39 -24.39 -10.67
CA TYR A 488 -23.46 -24.68 -11.77
C TYR A 488 -22.86 -26.06 -11.75
N LEU A 489 -22.82 -26.69 -10.58
CA LEU A 489 -22.10 -27.95 -10.48
C LEU A 489 -23.01 -29.19 -10.44
N ALA A 490 -24.15 -29.07 -9.75
CA ALA A 490 -25.06 -30.19 -9.52
C ALA A 490 -25.97 -30.63 -10.71
N PRO A 491 -26.71 -29.69 -11.36
CA PRO A 491 -27.73 -30.15 -12.34
C PRO A 491 -27.18 -31.19 -13.33
N VAL A 492 -27.97 -32.25 -13.51
CA VAL A 492 -27.67 -33.35 -14.44
C VAL A 492 -28.83 -33.45 -15.43
N ARG A 493 -29.77 -32.51 -15.33
CA ARG A 493 -30.90 -32.43 -16.27
C ARG A 493 -31.09 -30.99 -16.77
N PRO A 494 -31.42 -30.82 -18.07
CA PRO A 494 -31.66 -31.85 -19.07
C PRO A 494 -30.42 -32.62 -19.56
N LEU A 495 -29.22 -32.07 -19.36
CA LEU A 495 -28.00 -32.70 -19.88
C LEU A 495 -27.14 -33.40 -18.82
N GLU A 496 -26.81 -34.67 -19.05
CA GLU A 496 -25.82 -35.34 -18.23
C GLU A 496 -24.77 -35.94 -19.12
N ARG A 497 -23.50 -35.61 -18.85
CA ARG A 497 -22.37 -36.17 -19.59
C ARG A 497 -21.76 -37.36 -18.82
N ILE A 498 -21.86 -38.55 -19.41
CA ILE A 498 -21.41 -39.79 -18.76
C ILE A 498 -19.92 -40.09 -19.03
N ARG A 499 -19.54 -40.25 -20.29
CA ARG A 499 -18.14 -40.41 -20.65
C ARG A 499 -17.92 -40.02 -22.13
N GLN A 500 -16.68 -39.98 -22.60
CA GLN A 500 -16.47 -39.59 -23.97
C GLN A 500 -15.17 -40.07 -24.44
N HIS A 501 -15.07 -40.21 -25.76
CA HIS A 501 -13.82 -40.54 -26.41
C HIS A 501 -13.34 -39.38 -27.24
N VAL A 502 -12.21 -38.81 -26.84
CA VAL A 502 -11.56 -37.76 -27.62
C VAL A 502 -10.45 -38.33 -28.49
N ASP A 503 -10.60 -38.06 -29.77
CA ASP A 503 -9.71 -38.48 -30.83
C ASP A 503 -9.16 -37.17 -31.50
N ALA A 504 -8.03 -36.69 -30.97
CA ALA A 504 -7.45 -35.40 -31.38
C ALA A 504 -6.53 -35.63 -32.60
N ALA A 505 -6.44 -34.65 -33.51
CA ALA A 505 -5.53 -34.83 -34.63
C ALA A 505 -4.13 -34.74 -34.11
N ASP A 506 -3.27 -35.65 -34.59
CA ASP A 506 -1.86 -35.69 -34.16
C ASP A 506 -1.10 -34.46 -34.63
N ASP A 507 -1.54 -33.90 -35.75
CA ASP A 507 -0.83 -32.82 -36.44
C ASP A 507 -1.38 -31.43 -36.13
N ASP A 508 -0.49 -30.45 -36.06
CA ASP A 508 -0.92 -29.11 -35.76
C ASP A 508 -1.97 -28.71 -36.81
N GLY A 509 -3.09 -28.18 -36.34
CA GLY A 509 -4.12 -27.72 -37.26
C GLY A 509 -5.11 -28.75 -37.78
N GLY A 510 -4.84 -30.05 -37.59
CA GLY A 510 -5.83 -31.10 -37.92
C GLY A 510 -7.17 -30.95 -37.17
N THR A 511 -8.08 -31.91 -37.35
CA THR A 511 -9.37 -31.82 -36.65
C THR A 511 -9.53 -32.82 -35.52
N THR A 512 -10.29 -32.43 -34.51
CA THR A 512 -10.52 -33.24 -33.33
C THR A 512 -11.93 -33.76 -33.34
N SER A 513 -12.03 -35.08 -33.07
CA SER A 513 -13.28 -35.84 -32.95
C SER A 513 -13.66 -36.23 -31.51
N ILE A 514 -14.95 -36.09 -31.22
CA ILE A 514 -15.49 -36.56 -29.99
C ILE A 514 -16.71 -37.50 -30.22
N THR A 515 -16.75 -38.63 -29.51
CA THR A 515 -18.00 -39.39 -29.30
C THR A 515 -18.29 -39.42 -27.80
N ALA A 516 -19.49 -39.03 -27.44
CA ALA A 516 -19.88 -38.99 -26.04
C ALA A 516 -21.18 -39.74 -25.79
N THR A 517 -21.24 -40.28 -24.57
CA THR A 517 -22.43 -40.92 -24.04
C THR A 517 -23.06 -39.92 -23.07
N VAL A 518 -24.27 -39.49 -23.41
CA VAL A 518 -24.98 -38.47 -22.62
C VAL A 518 -26.38 -38.96 -22.25
N LYS A 519 -27.03 -38.31 -21.28
CA LYS A 519 -28.44 -38.56 -20.98
C LYS A 519 -29.20 -37.26 -21.28
N ILE A 520 -30.24 -37.35 -22.10
CA ILE A 520 -31.10 -36.21 -22.33
C ILE A 520 -32.37 -36.44 -21.58
N ASN A 521 -32.61 -35.60 -20.57
CA ASN A 521 -33.76 -35.82 -19.67
C ASN A 521 -33.88 -37.29 -19.32
N GLY A 522 -32.76 -37.85 -18.83
CA GLY A 522 -32.70 -39.18 -18.32
C GLY A 522 -32.28 -40.21 -19.36
N VAL A 523 -32.27 -39.81 -20.64
CA VAL A 523 -32.21 -40.77 -21.75
C VAL A 523 -30.84 -40.91 -22.43
N GLU A 524 -30.17 -42.02 -22.13
CA GLU A 524 -28.86 -42.34 -22.64
C GLU A 524 -28.79 -42.25 -24.16
N THR A 525 -27.84 -41.47 -24.69
CA THR A 525 -27.80 -41.10 -26.10
C THR A 525 -26.35 -40.99 -26.51
N GLU A 526 -26.03 -41.35 -27.74
CA GLU A 526 -24.66 -41.14 -28.24
C GLU A 526 -24.67 -39.85 -29.02
N ILE A 527 -23.59 -39.09 -28.89
CA ILE A 527 -23.46 -37.88 -29.69
C ILE A 527 -22.08 -37.85 -30.29
N SER A 528 -21.96 -37.18 -31.42
CA SER A 528 -20.67 -37.04 -32.06
C SER A 528 -20.50 -35.80 -32.90
N GLY A 529 -19.25 -35.34 -32.89
CA GLY A 529 -18.86 -34.03 -33.37
C GLY A 529 -17.38 -33.93 -33.69
N SER A 530 -17.08 -33.02 -34.61
CA SER A 530 -15.74 -32.68 -35.04
C SER A 530 -15.57 -31.18 -34.86
N GLY A 531 -14.32 -30.77 -34.69
CA GLY A 531 -13.97 -29.38 -34.51
C GLY A 531 -12.46 -29.22 -34.43
N ASN A 532 -12.06 -27.98 -34.24
CA ASN A 532 -10.64 -27.59 -34.14
C ASN A 532 -9.93 -28.07 -32.89
N GLY A 533 -10.73 -28.29 -31.84
CA GLY A 533 -10.27 -28.93 -30.62
C GLY A 533 -11.45 -29.61 -29.93
N PRO A 534 -11.23 -30.18 -28.72
CA PRO A 534 -12.25 -31.05 -28.10
C PRO A 534 -13.49 -30.31 -27.62
N LEU A 535 -13.33 -29.06 -27.24
CA LEU A 535 -14.44 -28.32 -26.70
C LEU A 535 -15.33 -27.92 -27.87
N ALA A 536 -14.72 -27.67 -29.02
CA ALA A 536 -15.46 -27.36 -30.25
C ALA A 536 -16.24 -28.59 -30.68
N ALA A 537 -15.54 -29.72 -30.71
CA ALA A 537 -16.12 -31.02 -31.10
C ALA A 537 -17.34 -31.36 -30.26
N PHE A 538 -17.24 -31.21 -28.93
CA PHE A 538 -18.33 -31.48 -27.98
C PHE A 538 -19.54 -30.60 -28.22
N VAL A 539 -19.27 -29.32 -28.43
CA VAL A 539 -20.26 -28.28 -28.70
C VAL A 539 -21.03 -28.53 -30.00
N HIS A 540 -20.31 -28.94 -31.06
CA HIS A 540 -20.92 -29.28 -32.33
C HIS A 540 -21.77 -30.52 -32.16
N ALA A 541 -21.18 -31.58 -31.61
CA ALA A 541 -21.89 -32.80 -31.22
C ALA A 541 -23.23 -32.57 -30.55
N LEU A 542 -23.33 -31.52 -29.72
CA LEU A 542 -24.56 -31.25 -29.00
C LEU A 542 -25.71 -30.84 -29.91
N ALA A 543 -25.38 -30.23 -31.05
CA ALA A 543 -26.39 -29.78 -32.00
C ALA A 543 -27.34 -30.94 -32.34
N ASP A 544 -26.75 -32.11 -32.55
CA ASP A 544 -27.47 -33.36 -32.86
C ASP A 544 -28.55 -33.75 -31.83
N VAL A 545 -28.62 -33.08 -30.69
CA VAL A 545 -29.66 -33.39 -29.68
C VAL A 545 -30.43 -32.14 -29.25
N GLY A 546 -30.45 -31.14 -30.15
CA GLY A 546 -31.27 -29.94 -29.96
C GLY A 546 -30.69 -28.88 -29.05
N PHE A 547 -29.37 -28.90 -28.85
CA PHE A 547 -28.68 -27.80 -28.17
C PHE A 547 -27.77 -27.05 -29.15
N ASP A 548 -28.26 -25.95 -29.74
CA ASP A 548 -27.35 -25.06 -30.47
C ASP A 548 -26.61 -24.14 -29.45
N VAL A 549 -25.30 -24.38 -29.35
CA VAL A 549 -24.40 -23.77 -28.37
C VAL A 549 -23.29 -23.07 -29.12
N ALA A 550 -23.08 -21.80 -28.75
CA ALA A 550 -21.95 -21.05 -29.31
C ALA A 550 -21.15 -20.48 -28.15
N VAL A 551 -19.88 -20.89 -28.11
CA VAL A 551 -18.86 -20.34 -27.16
C VAL A 551 -18.53 -18.87 -27.50
N LEU A 552 -18.93 -17.99 -26.59
CA LEU A 552 -18.64 -16.52 -26.62
C LEU A 552 -17.31 -16.20 -25.90
N ASP A 553 -17.24 -16.69 -24.65
CA ASP A 553 -16.06 -16.63 -23.82
C ASP A 553 -15.74 -17.99 -23.15
N TYR A 554 -14.48 -18.12 -22.73
CA TYR A 554 -13.89 -19.31 -22.13
C TYR A 554 -12.66 -18.93 -21.35
N TYR A 555 -12.55 -19.40 -20.09
CA TYR A 555 -11.32 -19.28 -19.25
C TYR A 555 -11.06 -20.57 -18.51
N GLU A 556 -9.80 -20.84 -18.23
CA GLU A 556 -9.43 -21.99 -17.41
C GLU A 556 -8.20 -21.62 -16.60
N HIS A 557 -8.09 -22.20 -15.39
CA HIS A 557 -6.93 -22.00 -14.51
C HIS A 557 -6.67 -23.29 -13.70
N ALA A 558 -5.40 -23.49 -13.34
CA ALA A 558 -4.97 -24.55 -12.41
C ALA A 558 -5.65 -24.37 -11.07
N MET A 559 -5.79 -25.45 -10.31
CA MET A 559 -6.26 -25.29 -8.96
C MET A 559 -5.34 -25.70 -7.82
N SER A 560 -4.18 -26.22 -8.17
CA SER A 560 -3.06 -26.23 -7.23
C SER A 560 -1.77 -26.02 -8.04
N ALA A 561 -0.65 -26.11 -7.34
CA ALA A 561 0.65 -26.26 -8.00
C ALA A 561 0.74 -27.74 -8.39
N GLY A 562 1.67 -28.05 -9.28
CA GLY A 562 1.94 -29.43 -9.64
C GLY A 562 1.52 -29.87 -11.04
N ASP A 563 2.34 -30.78 -11.57
CA ASP A 563 2.06 -31.55 -12.79
C ASP A 563 0.58 -31.98 -12.95
N ASP A 564 0.03 -32.75 -11.99
CA ASP A 564 -1.32 -33.37 -12.12
C ASP A 564 -2.57 -32.64 -11.50
N ALA A 565 -2.43 -31.41 -10.98
CA ALA A 565 -3.53 -30.64 -10.28
C ALA A 565 -4.92 -30.62 -10.96
N GLN A 566 -5.97 -30.30 -10.17
CA GLN A 566 -7.30 -29.99 -10.71
C GLN A 566 -7.37 -28.67 -11.56
N ALA A 567 -8.23 -28.64 -12.58
CA ALA A 567 -8.50 -27.44 -13.40
C ALA A 567 -9.91 -26.90 -13.12
N ALA A 568 -10.05 -25.57 -13.08
CA ALA A 568 -11.39 -24.91 -13.19
C ALA A 568 -11.64 -24.30 -14.58
N ALA A 569 -12.76 -24.66 -15.23
CA ALA A 569 -13.08 -24.07 -16.54
C ALA A 569 -14.43 -23.34 -16.49
N TYR A 570 -14.48 -22.23 -17.21
CA TYR A 570 -15.64 -21.33 -17.21
C TYR A 570 -15.97 -21.06 -18.65
N VAL A 571 -17.21 -21.35 -19.02
CA VAL A 571 -17.68 -21.16 -20.39
C VAL A 571 -18.91 -20.27 -20.40
N GLU A 572 -18.84 -19.25 -21.23
CA GLU A 572 -20.00 -18.43 -21.60
C GLU A 572 -20.43 -18.83 -22.99
N ALA A 573 -21.67 -19.18 -23.12
CA ALA A 573 -22.17 -19.65 -24.40
C ALA A 573 -23.59 -19.12 -24.63
N SER A 574 -23.94 -18.86 -25.88
CA SER A 574 -25.36 -18.68 -26.20
C SER A 574 -25.91 -20.07 -26.53
N VAL A 575 -27.02 -20.40 -25.87
CA VAL A 575 -27.66 -21.72 -25.92
C VAL A 575 -29.14 -21.66 -26.39
N THR A 576 -29.45 -22.28 -27.54
CA THR A 576 -30.78 -22.26 -28.15
C THR A 576 -31.39 -23.66 -28.26
N ILE A 577 -32.65 -23.75 -27.81
CA ILE A 577 -33.51 -24.95 -27.69
C ILE A 577 -33.03 -25.77 -26.50
N SER A 615 -32.79 -18.25 -27.03
CA SER A 615 -31.33 -18.17 -27.19
C SER A 615 -30.74 -17.35 -26.03
N LYS A 616 -30.53 -17.98 -24.86
CA LYS A 616 -30.06 -17.31 -23.63
C LYS A 616 -28.52 -17.41 -23.58
N THR A 617 -27.88 -16.38 -23.05
CA THR A 617 -26.42 -16.31 -22.92
C THR A 617 -26.11 -16.59 -21.46
N VAL A 618 -25.25 -17.58 -21.22
CA VAL A 618 -25.15 -18.17 -19.86
C VAL A 618 -23.73 -18.57 -19.56
N TRP A 619 -23.34 -18.53 -18.28
CA TRP A 619 -22.06 -19.15 -17.86
C TRP A 619 -22.24 -20.59 -17.37
N GLY A 620 -21.27 -21.42 -17.71
CA GLY A 620 -21.10 -22.71 -17.08
C GLY A 620 -19.71 -22.83 -16.45
N VAL A 621 -19.66 -23.59 -15.35
CA VAL A 621 -18.45 -23.91 -14.59
C VAL A 621 -18.22 -25.41 -14.53
N GLY A 622 -17.00 -25.81 -14.89
CA GLY A 622 -16.55 -27.20 -14.81
C GLY A 622 -15.30 -27.32 -13.97
N ILE A 623 -15.27 -28.31 -13.06
CA ILE A 623 -14.06 -28.59 -12.20
C ILE A 623 -13.69 -30.06 -12.39
N ALA A 624 -12.46 -30.36 -12.81
CA ALA A 624 -12.05 -31.74 -13.11
C ALA A 624 -10.53 -31.92 -13.04
N PRO A 625 -10.06 -33.17 -12.90
CA PRO A 625 -8.58 -33.28 -12.86
C PRO A 625 -7.89 -32.98 -14.20
N SER A 626 -8.65 -32.81 -15.29
CA SER A 626 -8.12 -32.66 -16.63
C SER A 626 -8.53 -31.30 -17.20
N ILE A 627 -7.68 -30.68 -18.01
CA ILE A 627 -8.05 -29.40 -18.66
C ILE A 627 -9.25 -29.55 -19.58
N THR A 628 -9.29 -30.72 -20.24
CA THR A 628 -10.28 -31.11 -21.24
C THR A 628 -11.59 -31.39 -20.58
N THR A 629 -11.61 -32.29 -19.61
CA THR A 629 -12.83 -32.67 -18.97
C THR A 629 -13.45 -31.50 -18.24
N ALA A 630 -12.64 -30.70 -17.57
CA ALA A 630 -13.13 -29.47 -16.92
C ALA A 630 -13.90 -28.64 -17.92
N SER A 631 -13.28 -28.48 -19.09
CA SER A 631 -13.88 -27.68 -20.14
C SER A 631 -15.19 -28.31 -20.63
N LEU A 632 -15.23 -29.64 -20.70
CA LEU A 632 -16.47 -30.33 -21.11
C LEU A 632 -17.59 -30.17 -20.10
N ARG A 633 -17.24 -30.32 -18.82
CA ARG A 633 -18.20 -30.11 -17.74
C ARG A 633 -18.72 -28.65 -17.68
N ALA A 634 -17.83 -27.71 -18.01
CA ALA A 634 -18.20 -26.29 -18.08
C ALA A 634 -19.33 -26.07 -19.16
N VAL A 635 -19.24 -26.80 -20.27
CA VAL A 635 -20.28 -26.72 -21.34
C VAL A 635 -21.61 -27.34 -20.90
N VAL A 636 -21.55 -28.51 -20.27
CA VAL A 636 -22.73 -29.19 -19.70
C VAL A 636 -23.46 -28.29 -18.67
N SER A 637 -22.68 -27.70 -17.76
CA SER A 637 -23.14 -26.74 -16.77
C SER A 637 -23.87 -25.53 -17.45
N ALA A 638 -23.23 -24.93 -18.45
CA ALA A 638 -23.88 -23.81 -19.20
C ALA A 638 -25.26 -24.23 -19.74
N VAL A 639 -25.30 -25.38 -20.45
CA VAL A 639 -26.47 -25.91 -21.11
C VAL A 639 -27.57 -26.11 -20.07
N ASN A 640 -27.23 -26.63 -18.90
CA ASN A 640 -28.23 -26.83 -17.87
C ASN A 640 -28.67 -25.53 -17.21
N ARG A 641 -27.79 -24.53 -17.19
CA ARG A 641 -28.19 -23.20 -16.75
C ARG A 641 -29.15 -22.56 -17.74
N ALA A 642 -28.82 -22.67 -19.03
CA ALA A 642 -29.72 -22.17 -20.06
C ALA A 642 -31.13 -22.71 -19.87
N ALA A 643 -31.33 -23.73 -19.03
CA ALA A 643 -32.68 -24.33 -18.91
C ALA A 643 -33.25 -24.23 -17.50
N THR B 18 -13.64 28.88 -5.63
CA THR B 18 -12.43 28.58 -6.48
C THR B 18 -11.09 29.03 -5.84
N ILE B 19 -9.98 28.81 -6.57
CA ILE B 19 -8.61 29.10 -6.09
C ILE B 19 -8.14 30.43 -6.70
N VAL B 20 -7.74 31.38 -5.83
CA VAL B 20 -7.04 32.64 -6.21
C VAL B 20 -5.64 32.69 -5.56
N LYS B 21 -4.61 32.88 -6.39
CA LYS B 21 -3.21 33.00 -5.93
C LYS B 21 -3.08 33.81 -4.65
N PRO B 22 -2.37 33.29 -3.65
CA PRO B 22 -2.10 34.29 -2.59
C PRO B 22 -1.49 35.60 -3.14
N ALA B 23 -1.75 36.71 -2.48
CA ALA B 23 -1.26 37.97 -3.00
C ALA B 23 -1.01 39.00 -1.92
N GLY B 24 -1.21 38.61 -0.66
CA GLY B 24 -0.80 39.41 0.48
C GLY B 24 0.72 39.61 0.56
N PRO B 25 1.16 40.45 1.49
CA PRO B 25 2.58 40.81 1.45
C PRO B 25 3.43 39.63 2.02
N PRO B 26 4.76 39.59 1.75
CA PRO B 26 5.58 38.55 2.36
C PRO B 26 5.66 38.79 3.84
N ARG B 27 6.20 37.84 4.59
CA ARG B 27 6.35 38.11 6.01
C ARG B 27 7.48 39.14 6.21
N VAL B 28 7.49 39.77 7.37
CA VAL B 28 8.57 40.63 7.75
C VAL B 28 9.73 39.72 8.19
N GLY B 29 10.84 39.83 7.44
CA GLY B 29 11.98 38.98 7.64
C GLY B 29 12.12 37.99 6.48
N GLN B 30 11.07 37.87 5.67
CA GLN B 30 11.06 36.83 4.68
C GLN B 30 12.13 37.08 3.60
N PRO B 31 12.98 36.08 3.37
CA PRO B 31 14.17 36.28 2.53
C PRO B 31 13.83 36.60 1.09
N SER B 32 14.72 37.36 0.47
CA SER B 32 14.54 37.80 -0.89
C SER B 32 14.31 36.63 -1.87
N TRP B 33 15.01 35.51 -1.64
CA TRP B 33 14.84 34.31 -2.50
C TRP B 33 13.57 33.49 -2.24
N ASN B 34 12.76 33.89 -1.25
CA ASN B 34 11.43 33.30 -1.04
C ASN B 34 10.28 34.32 -1.40
N PRO B 35 9.77 34.23 -2.66
CA PRO B 35 8.72 35.13 -3.21
C PRO B 35 7.26 34.79 -2.89
N GLN B 36 7.01 33.84 -2.02
CA GLN B 36 5.66 33.52 -1.59
C GLN B 36 4.93 34.71 -1.02
N ARG B 37 3.60 34.64 -1.09
CA ARG B 37 2.71 35.71 -0.67
C ARG B 37 1.78 35.25 0.40
N ALA B 38 1.38 36.15 1.30
CA ALA B 38 0.33 35.85 2.25
C ALA B 38 -0.94 35.37 1.54
N SER B 39 -1.56 34.32 2.08
CA SER B 39 -2.81 33.81 1.52
C SER B 39 -3.96 34.44 2.27
N SER B 40 -5.20 34.23 1.81
CA SER B 40 -6.41 34.73 2.52
C SER B 40 -7.13 33.70 3.39
N MET B 41 -6.41 32.62 3.71
CA MET B 41 -6.88 31.65 4.66
C MET B 41 -7.02 32.17 6.09
N PRO B 42 -8.17 31.87 6.70
CA PRO B 42 -8.43 32.36 8.05
C PRO B 42 -7.67 31.62 9.15
N VAL B 43 -6.35 31.84 9.21
CA VAL B 43 -5.44 31.30 10.23
C VAL B 43 -5.77 31.76 11.64
N ASN B 44 -6.27 32.99 11.75
CA ASN B 44 -6.70 33.59 13.02
C ASN B 44 -7.78 32.78 13.76
N ARG B 45 -8.42 31.83 13.08
CA ARG B 45 -9.38 30.94 13.70
C ARG B 45 -8.76 29.69 14.35
N TYR B 46 -7.41 29.61 14.30
CA TYR B 46 -6.58 28.44 14.67
C TYR B 46 -5.38 28.93 15.47
N ARG B 47 -5.06 28.24 16.54
CA ARG B 47 -3.99 28.59 17.47
C ARG B 47 -2.93 27.49 17.54
N PRO B 48 -1.65 27.85 17.84
CA PRO B 48 -0.64 26.86 18.20
C PRO B 48 -1.15 25.88 19.24
N PHE B 49 -0.67 24.65 19.14
CA PHE B 49 -1.04 23.66 20.17
C PHE B 49 -0.87 24.15 21.62
N ALA B 50 0.21 24.86 21.93
CA ALA B 50 0.52 25.24 23.35
C ALA B 50 -0.53 26.20 23.88
N GLU B 51 -1.10 26.98 22.98
CA GLU B 51 -2.20 27.88 23.32
C GLU B 51 -3.57 27.21 23.37
N GLU B 52 -3.80 26.31 22.41
CA GLU B 52 -5.02 25.55 22.38
C GLU B 52 -5.09 24.63 23.59
N VAL B 53 -3.98 23.96 23.89
CA VAL B 53 -3.97 23.00 25.01
C VAL B 53 -3.05 23.44 26.18
N GLU B 54 -1.76 23.14 26.13
CA GLU B 54 -0.83 23.63 27.11
C GLU B 54 0.54 23.54 26.48
N PRO B 55 1.54 24.22 27.06
CA PRO B 55 2.94 24.00 26.66
C PRO B 55 3.44 22.67 27.23
N ILE B 56 3.94 21.80 26.38
CA ILE B 56 4.54 20.58 26.86
C ILE B 56 6.05 20.80 26.73
N ARG B 57 6.66 21.10 27.91
CA ARG B 57 8.14 21.25 28.06
C ARG B 57 8.76 19.93 28.64
N LEU B 58 9.76 19.40 27.96
CA LEU B 58 10.40 18.24 28.51
C LEU B 58 11.85 18.33 28.05
N ARG B 59 12.52 19.32 28.63
CA ARG B 59 13.90 19.65 28.28
C ARG B 59 14.86 18.42 28.44
N ASN B 60 14.62 17.57 29.48
CA ASN B 60 15.37 16.32 29.67
C ASN B 60 14.80 15.02 29.04
N ARG B 61 14.04 15.13 27.95
CA ARG B 61 13.40 13.98 27.30
C ARG B 61 14.50 13.01 26.91
N THR B 62 14.16 11.74 26.72
CA THR B 62 15.12 10.75 26.31
C THR B 62 14.67 9.99 25.06
N TRP B 63 13.39 10.08 24.70
CA TRP B 63 12.89 9.38 23.49
C TRP B 63 13.72 9.69 22.21
N PRO B 64 14.30 10.93 22.05
CA PRO B 64 15.14 11.06 20.84
C PRO B 64 16.41 10.24 20.79
N ASP B 65 16.87 9.71 21.92
CA ASP B 65 18.07 8.89 21.90
C ASP B 65 17.74 7.40 22.01
N ARG B 66 16.47 7.03 21.90
CA ARG B 66 16.14 5.65 22.06
C ARG B 66 15.69 5.08 20.72
N VAL B 67 16.41 4.11 20.21
CA VAL B 67 16.01 3.33 19.05
C VAL B 67 15.19 2.10 19.51
N ILE B 68 14.10 1.82 18.80
CA ILE B 68 13.25 0.73 19.21
C ILE B 68 13.97 -0.60 18.99
N ASP B 69 13.93 -1.51 19.95
CA ASP B 69 14.61 -2.80 19.77
C ASP B 69 13.80 -4.06 20.10
N ARG B 70 12.56 -3.84 20.49
CA ARG B 70 11.59 -4.90 20.75
C ARG B 70 10.24 -4.43 20.13
N ALA B 71 9.42 -5.35 19.65
CA ALA B 71 8.02 -5.10 19.31
C ALA B 71 7.17 -4.69 20.53
N PRO B 72 6.21 -3.74 20.35
CA PRO B 72 5.31 -3.51 21.47
C PRO B 72 4.36 -4.67 21.64
N LEU B 73 3.60 -4.63 22.76
CA LEU B 73 2.33 -5.31 22.76
C LEU B 73 1.38 -4.55 21.82
N TRP B 74 0.88 -5.29 20.83
CA TRP B 74 -0.11 -4.82 19.89
C TRP B 74 -1.56 -5.11 20.33
N CYS B 75 -2.43 -4.18 20.04
CA CYS B 75 -3.84 -4.46 20.13
C CYS B 75 -4.49 -4.00 18.82
N ALA B 76 -5.24 -4.90 18.19
CA ALA B 76 -5.97 -4.61 16.93
C ALA B 76 -7.41 -4.17 17.18
N VAL B 77 -7.77 -2.97 16.71
CA VAL B 77 -9.11 -2.37 16.96
C VAL B 77 -9.98 -2.29 15.69
N ASP B 78 -9.60 -3.07 14.68
CA ASP B 78 -10.30 -3.13 13.39
C ASP B 78 -11.83 -3.41 13.47
N LEU B 79 -12.21 -4.26 14.42
CA LEU B 79 -13.56 -4.72 14.58
C LEU B 79 -14.40 -3.74 15.37
N ARG B 80 -13.79 -2.66 15.82
CA ARG B 80 -14.49 -1.64 16.64
C ARG B 80 -14.22 -0.25 16.08
N ASP B 81 -13.07 0.32 16.39
CA ASP B 81 -12.69 1.64 15.82
C ASP B 81 -12.70 1.65 14.24
N GLY B 82 -12.18 0.59 13.61
CA GLY B 82 -12.25 0.44 12.18
C GLY B 82 -13.69 0.26 11.71
N ASN B 83 -14.39 -0.67 12.35
CA ASN B 83 -15.76 -0.97 11.95
C ASN B 83 -16.73 0.22 12.05
N GLN B 84 -16.66 0.97 13.17
CA GLN B 84 -17.48 2.19 13.38
C GLN B 84 -17.29 3.22 12.27
N ALA B 85 -16.20 3.09 11.52
CA ALA B 85 -15.70 4.13 10.65
C ALA B 85 -16.10 3.87 9.23
N LEU B 86 -16.68 2.71 9.00
CA LEU B 86 -17.00 2.25 7.65
C LEU B 86 -18.33 2.78 7.11
N ILE B 87 -18.35 3.10 5.81
CA ILE B 87 -19.62 3.37 5.08
C ILE B 87 -20.66 2.24 5.33
N ASP B 88 -20.22 0.98 5.14
CA ASP B 88 -20.98 -0.22 5.43
C ASP B 88 -20.31 -1.00 6.53
N PRO B 89 -20.92 -0.99 7.71
CA PRO B 89 -20.40 -1.80 8.81
C PRO B 89 -20.31 -3.28 8.46
N MET B 90 -19.38 -4.00 9.10
CA MET B 90 -19.13 -5.42 8.80
C MET B 90 -20.35 -6.28 9.12
N SER B 91 -20.69 -7.18 8.19
CA SER B 91 -21.67 -8.21 8.40
C SER B 91 -21.07 -9.23 9.38
N PRO B 92 -21.93 -10.12 9.95
CA PRO B 92 -21.38 -11.14 10.80
C PRO B 92 -20.21 -11.91 10.12
N ALA B 93 -20.31 -12.15 8.81
CA ALA B 93 -19.31 -12.93 8.15
C ALA B 93 -18.01 -12.16 8.04
N ARG B 94 -18.11 -10.87 7.75
CA ARG B 94 -16.96 -10.01 7.60
C ARG B 94 -16.26 -9.84 8.91
N LYS B 95 -17.05 -9.79 9.98
CA LYS B 95 -16.51 -9.67 11.32
C LYS B 95 -15.64 -10.87 11.68
N ARG B 96 -16.21 -12.04 11.44
CA ARG B 96 -15.57 -13.31 11.71
C ARG B 96 -14.26 -13.48 10.92
N ARG B 97 -14.31 -13.10 9.64
CA ARG B 97 -13.16 -13.19 8.73
C ARG B 97 -12.01 -12.31 9.19
N MET B 98 -12.34 -11.09 9.65
CA MET B 98 -11.34 -10.14 10.19
C MET B 98 -10.72 -10.64 11.50
N PHE B 99 -11.56 -11.08 12.42
CA PHE B 99 -11.12 -11.74 13.65
C PHE B 99 -10.16 -12.93 13.43
N ASP B 100 -10.47 -13.81 12.49
CA ASP B 100 -9.62 -14.97 12.15
C ASP B 100 -8.29 -14.55 11.54
N LEU B 101 -8.33 -13.52 10.69
CA LEU B 101 -7.07 -13.00 10.08
C LEU B 101 -6.11 -12.47 11.13
N LEU B 102 -6.65 -11.73 12.09
CA LEU B 102 -5.88 -11.15 13.19
C LEU B 102 -5.30 -12.18 14.15
N VAL B 103 -6.08 -13.20 14.49
CA VAL B 103 -5.56 -14.35 15.26
C VAL B 103 -4.36 -15.00 14.53
N ARG B 104 -4.54 -15.21 13.22
CA ARG B 104 -3.61 -15.96 12.39
C ARG B 104 -2.32 -15.18 12.12
N MET B 105 -2.40 -13.84 12.11
CA MET B 105 -1.23 -12.99 12.03
C MET B 105 -0.48 -12.99 13.39
N GLY B 106 -1.14 -13.28 14.49
CA GLY B 106 -0.45 -13.35 15.79
C GLY B 106 -0.83 -12.30 16.84
N TYR B 107 -1.87 -11.52 16.58
CA TYR B 107 -2.39 -10.54 17.55
C TYR B 107 -3.01 -11.27 18.70
N LYS B 108 -2.65 -10.84 19.92
CA LYS B 108 -3.05 -11.52 21.16
C LYS B 108 -4.09 -10.73 21.95
N GLU B 109 -4.29 -9.45 21.56
CA GLU B 109 -5.37 -8.59 22.05
C GLU B 109 -6.14 -7.97 20.86
N ILE B 110 -7.45 -8.21 20.82
CA ILE B 110 -8.28 -7.80 19.68
C ILE B 110 -9.48 -7.18 20.32
N GLU B 111 -9.71 -5.90 20.06
CA GLU B 111 -10.94 -5.23 20.45
C GLU B 111 -12.05 -5.59 19.43
N VAL B 112 -13.04 -6.37 19.92
CA VAL B 112 -14.06 -7.05 19.08
C VAL B 112 -15.37 -6.28 18.95
N GLY B 113 -15.54 -5.19 19.71
CA GLY B 113 -16.71 -4.35 19.57
C GLY B 113 -17.04 -3.48 20.76
N PHE B 114 -18.25 -2.90 20.66
CA PHE B 114 -18.85 -1.96 21.59
C PHE B 114 -20.25 -2.55 21.96
N PRO B 115 -20.28 -3.77 22.55
CA PRO B 115 -21.52 -4.59 22.64
C PRO B 115 -22.64 -3.97 23.44
N SER B 116 -22.33 -3.08 24.37
CA SER B 116 -23.38 -2.31 25.04
C SER B 116 -24.06 -1.23 24.14
N ALA B 117 -23.37 -0.81 23.09
CA ALA B 117 -23.88 0.25 22.17
C ALA B 117 -24.55 -0.27 20.92
N SER B 118 -24.27 -1.52 20.54
CA SER B 118 -24.89 -2.11 19.36
C SER B 118 -25.10 -3.59 19.53
N GLN B 119 -26.26 -4.02 19.06
CA GLN B 119 -26.74 -5.37 19.17
C GLN B 119 -25.97 -6.31 18.29
N THR B 120 -25.52 -5.81 17.14
CA THR B 120 -24.71 -6.61 16.23
C THR B 120 -23.37 -6.95 16.90
N ASP B 121 -22.81 -6.00 17.62
CA ASP B 121 -21.60 -6.22 18.42
C ASP B 121 -21.81 -7.18 19.57
N PHE B 122 -22.88 -6.99 20.34
CA PHE B 122 -23.28 -7.95 21.35
C PHE B 122 -23.36 -9.40 20.79
N ASP B 123 -24.06 -9.56 19.68
CA ASP B 123 -24.24 -10.84 18.98
C ASP B 123 -22.91 -11.48 18.59
N PHE B 124 -22.06 -10.69 17.92
CA PHE B 124 -20.69 -11.11 17.57
C PHE B 124 -19.86 -11.66 18.75
N VAL B 125 -19.76 -10.89 19.83
CA VAL B 125 -19.15 -11.34 21.09
C VAL B 125 -19.78 -12.62 21.66
N ARG B 126 -21.08 -12.82 21.49
CA ARG B 126 -21.69 -14.06 21.94
C ARG B 126 -21.27 -15.22 21.02
N GLU B 127 -21.41 -15.02 19.71
CA GLU B 127 -20.97 -15.96 18.65
C GLU B 127 -19.55 -16.52 18.86
N ILE B 128 -18.56 -15.65 19.03
CA ILE B 128 -17.18 -16.11 19.25
C ILE B 128 -16.95 -16.81 20.57
N ILE B 129 -17.58 -16.34 21.64
CA ILE B 129 -17.42 -16.99 22.95
C ILE B 129 -18.07 -18.36 22.90
N GLU B 130 -19.30 -18.41 22.42
CA GLU B 130 -20.05 -19.63 22.41
C GLU B 130 -19.57 -20.66 21.41
N GLN B 131 -19.05 -20.23 20.26
CA GLN B 131 -18.58 -21.20 19.32
C GLN B 131 -17.13 -21.55 19.55
N GLY B 132 -16.59 -21.16 20.69
CA GLY B 132 -15.19 -21.47 21.00
C GLY B 132 -14.16 -20.97 19.95
N ALA B 133 -14.39 -19.80 19.36
CA ALA B 133 -13.45 -19.24 18.38
C ALA B 133 -12.22 -18.57 19.01
N ILE B 134 -12.19 -18.43 20.33
CA ILE B 134 -11.07 -17.67 20.89
C ILE B 134 -9.92 -18.54 21.42
N PRO B 135 -8.73 -18.45 20.77
CA PRO B 135 -7.56 -19.19 21.24
C PRO B 135 -7.25 -18.93 22.69
N ASP B 136 -6.54 -19.88 23.30
CA ASP B 136 -6.16 -19.79 24.70
C ASP B 136 -5.25 -18.61 24.99
N ASP B 137 -4.37 -18.20 24.05
CA ASP B 137 -3.43 -17.09 24.26
C ASP B 137 -3.95 -15.71 23.76
N VAL B 138 -5.25 -15.66 23.44
CA VAL B 138 -5.89 -14.45 22.93
C VAL B 138 -6.88 -13.89 23.93
N THR B 139 -6.80 -12.58 24.15
CA THR B 139 -7.69 -11.86 25.05
C THR B 139 -8.55 -10.84 24.30
N ILE B 140 -9.84 -11.09 24.22
CA ILE B 140 -10.74 -10.20 23.55
C ILE B 140 -10.92 -8.94 24.40
N GLN B 141 -11.14 -7.84 23.70
CA GLN B 141 -11.30 -6.53 24.31
C GLN B 141 -12.62 -5.93 23.88
N VAL B 142 -13.34 -5.34 24.84
CA VAL B 142 -14.58 -4.63 24.51
C VAL B 142 -14.60 -3.20 25.03
N LEU B 143 -15.10 -2.29 24.22
CA LEU B 143 -15.23 -0.89 24.61
C LEU B 143 -16.58 -0.59 25.29
N THR B 144 -16.56 0.29 26.29
CA THR B 144 -17.81 0.80 26.87
C THR B 144 -17.68 2.23 27.41
N GLN B 145 -18.80 2.96 27.40
CA GLN B 145 -18.87 4.21 28.14
C GLN B 145 -19.20 3.90 29.61
N CYS B 146 -19.19 4.92 30.47
CA CYS B 146 -19.15 4.67 31.91
C CYS B 146 -20.51 4.58 32.61
N ARG B 147 -21.57 4.65 31.82
CA ARG B 147 -22.96 4.63 32.31
C ARG B 147 -23.18 3.18 32.79
N PRO B 148 -23.55 3.00 34.09
CA PRO B 148 -23.50 1.68 34.78
C PRO B 148 -24.33 0.57 34.14
N GLU B 149 -25.45 0.97 33.53
CA GLU B 149 -26.28 0.09 32.69
C GLU B 149 -25.44 -0.42 31.51
N LEU B 150 -24.50 0.38 30.99
CA LEU B 150 -23.72 -0.05 29.84
C LEU B 150 -22.57 -0.99 30.25
N ILE B 151 -21.96 -0.71 31.40
CA ILE B 151 -20.92 -1.52 31.97
C ILE B 151 -21.46 -2.89 32.32
N GLU B 152 -22.64 -2.94 32.94
CA GLU B 152 -23.34 -4.22 33.19
C GLU B 152 -23.51 -5.08 31.95
N ARG B 153 -23.96 -4.45 30.85
CA ARG B 153 -24.23 -5.13 29.57
C ARG B 153 -22.95 -5.54 28.82
N THR B 154 -21.85 -4.84 29.10
CA THR B 154 -20.53 -5.20 28.60
C THR B 154 -20.01 -6.48 29.30
N PHE B 155 -20.24 -6.58 30.60
CA PHE B 155 -19.92 -7.83 31.30
C PHE B 155 -20.85 -8.93 30.84
N GLN B 156 -22.08 -8.59 30.49
CA GLN B 156 -23.00 -9.67 30.12
C GLN B 156 -22.63 -10.28 28.80
N ALA B 157 -22.30 -9.39 27.86
CA ALA B 157 -21.81 -9.78 26.55
C ALA B 157 -20.65 -10.75 26.74
N CYS B 158 -19.84 -10.57 27.78
CA CYS B 158 -18.64 -11.35 27.92
C CYS B 158 -18.80 -12.60 28.73
N SER B 159 -20.00 -12.88 29.21
CA SER B 159 -20.22 -14.04 30.06
C SER B 159 -19.61 -15.34 29.48
N GLY B 160 -18.79 -16.03 30.26
CA GLY B 160 -18.17 -17.28 29.84
C GLY B 160 -16.92 -17.16 29.00
N ALA B 161 -16.46 -15.93 28.74
CA ALA B 161 -15.11 -15.73 28.17
C ALA B 161 -14.08 -16.13 29.27
N PRO B 162 -12.96 -16.79 28.91
CA PRO B 162 -11.94 -17.18 29.92
C PRO B 162 -11.20 -15.99 30.49
N ARG B 163 -11.02 -15.00 29.63
CA ARG B 163 -10.41 -13.73 29.99
C ARG B 163 -10.96 -12.63 29.10
N ALA B 164 -10.99 -11.40 29.59
CA ALA B 164 -11.35 -10.27 28.69
C ALA B 164 -10.84 -8.94 29.24
N ILE B 165 -10.57 -8.00 28.35
CA ILE B 165 -10.20 -6.62 28.76
C ILE B 165 -11.44 -5.77 28.57
N VAL B 166 -11.87 -5.18 29.67
CA VAL B 166 -12.98 -4.23 29.64
C VAL B 166 -12.43 -2.82 29.47
N HIS B 167 -12.70 -2.24 28.34
CA HIS B 167 -12.12 -0.95 28.08
C HIS B 167 -13.21 0.09 28.24
N PHE B 168 -13.10 0.84 29.34
CA PHE B 168 -13.99 1.97 29.56
C PHE B 168 -13.27 3.28 29.34
N TYR B 169 -14.07 4.27 28.95
CA TYR B 169 -13.52 5.59 28.61
C TYR B 169 -14.54 6.70 28.90
N ASN B 170 -14.03 7.91 29.08
CA ASN B 170 -14.82 9.08 28.97
C ASN B 170 -13.90 10.21 28.50
N SER B 171 -14.47 11.18 27.81
CA SER B 171 -13.77 12.34 27.33
C SER B 171 -13.36 13.39 28.40
N THR B 172 -12.09 13.80 28.35
CA THR B 172 -11.45 14.64 29.38
C THR B 172 -10.84 15.96 28.87
N SER B 173 -10.85 16.18 27.55
CA SER B 173 -10.30 17.42 26.94
C SER B 173 -10.89 18.78 27.44
N ILE B 174 -10.05 19.81 27.37
CA ILE B 174 -10.46 21.13 27.81
C ILE B 174 -11.79 21.53 27.13
N LEU B 175 -11.88 21.25 25.82
CA LEU B 175 -13.01 21.65 24.99
C LEU B 175 -14.30 20.94 25.36
N GLN B 176 -14.23 19.63 25.57
CA GLN B 176 -15.44 18.85 25.86
C GLN B 176 -15.94 19.05 27.28
N ARG B 177 -15.01 19.09 28.26
CA ARG B 177 -15.36 19.47 29.62
C ARG B 177 -16.23 20.77 29.65
N ARG B 178 -15.87 21.77 28.84
CA ARG B 178 -16.58 23.05 28.78
C ARG B 178 -17.84 23.06 27.94
N VAL B 179 -17.74 22.68 26.66
CA VAL B 179 -18.89 22.79 25.72
C VAL B 179 -19.78 21.54 25.67
N VAL B 180 -19.19 20.35 25.90
CA VAL B 180 -19.95 19.11 25.82
C VAL B 180 -20.55 18.74 27.16
N PHE B 181 -19.74 18.78 28.23
CA PHE B 181 -20.26 18.40 29.54
C PHE B 181 -20.65 19.58 30.45
N ARG B 182 -20.19 20.77 30.13
CA ARG B 182 -20.24 21.93 31.01
C ARG B 182 -19.93 21.58 32.49
N ALA B 183 -18.76 20.95 32.70
CA ALA B 183 -18.42 20.34 34.01
C ALA B 183 -17.07 20.74 34.64
N ASN B 184 -17.01 20.63 35.98
CA ASN B 184 -15.80 20.73 36.82
C ASN B 184 -14.84 19.55 36.47
N ARG B 185 -13.56 19.71 36.80
CA ARG B 185 -12.59 18.63 36.76
C ARG B 185 -12.98 17.42 37.63
N ALA B 186 -13.46 17.73 38.84
CA ALA B 186 -13.99 16.76 39.79
C ALA B 186 -15.14 15.97 39.18
N GLU B 187 -16.02 16.70 38.49
CA GLU B 187 -17.20 16.14 37.86
C GLU B 187 -16.84 15.11 36.80
N VAL B 188 -15.90 15.48 35.94
CA VAL B 188 -15.57 14.74 34.75
C VAL B 188 -14.74 13.53 35.15
N GLN B 189 -13.92 13.67 36.21
CA GLN B 189 -13.16 12.59 36.84
C GLN B 189 -14.03 11.53 37.57
N ALA B 190 -15.10 11.98 38.24
CA ALA B 190 -16.09 11.04 38.78
C ALA B 190 -16.77 10.22 37.69
N ILE B 191 -16.96 10.78 36.50
CA ILE B 191 -17.56 9.95 35.48
C ILE B 191 -16.70 8.71 35.36
N ALA B 192 -15.37 8.94 35.35
CA ALA B 192 -14.35 7.91 35.19
C ALA B 192 -14.25 6.91 36.34
N THR B 193 -14.10 7.43 37.55
CA THR B 193 -13.94 6.60 38.74
C THR B 193 -15.23 5.84 39.11
N ASP B 194 -16.39 6.47 38.90
CA ASP B 194 -17.64 5.70 38.97
C ASP B 194 -17.68 4.56 37.97
N GLY B 195 -17.15 4.77 36.75
CA GLY B 195 -17.08 3.70 35.75
C GLY B 195 -16.21 2.58 36.29
N ALA B 196 -15.10 2.98 36.90
CA ALA B 196 -14.11 2.03 37.43
C ALA B 196 -14.73 1.24 38.57
N ARG B 197 -15.47 1.96 39.42
CA ARG B 197 -16.11 1.30 40.57
C ARG B 197 -17.03 0.20 40.09
N LYS B 198 -17.91 0.57 39.15
CA LYS B 198 -18.86 -0.35 38.55
C LYS B 198 -18.21 -1.58 37.90
N CYS B 199 -17.08 -1.36 37.22
CA CYS B 199 -16.32 -2.45 36.62
C CYS B 199 -15.87 -3.48 37.66
N VAL B 200 -15.38 -2.97 38.78
CA VAL B 200 -14.90 -3.77 39.91
C VAL B 200 -16.03 -4.61 40.54
N GLU B 201 -17.21 -4.02 40.67
CA GLU B 201 -18.33 -4.65 41.28
C GLU B 201 -18.83 -5.70 40.34
N GLN B 202 -18.69 -5.44 39.04
CA GLN B 202 -19.21 -6.38 38.07
C GLN B 202 -18.29 -7.58 37.84
N ALA B 203 -16.99 -7.34 37.94
CA ALA B 203 -15.97 -8.38 37.85
C ALA B 203 -16.14 -9.45 38.95
N ALA B 204 -16.66 -9.00 40.09
CA ALA B 204 -16.95 -9.89 41.21
C ALA B 204 -18.17 -10.75 40.96
N LYS B 205 -19.14 -10.25 40.18
CA LYS B 205 -20.33 -11.02 39.79
C LYS B 205 -20.08 -12.12 38.72
N TYR B 206 -18.87 -12.15 38.15
CA TYR B 206 -18.54 -13.18 37.16
C TYR B 206 -17.17 -13.79 37.47
N PRO B 207 -17.11 -14.67 38.49
CA PRO B 207 -15.79 -15.25 38.87
C PRO B 207 -15.15 -16.20 37.80
N GLY B 208 -15.95 -16.70 36.86
CA GLY B 208 -15.41 -17.57 35.84
C GLY B 208 -14.54 -16.89 34.76
N THR B 209 -14.44 -15.56 34.80
CA THR B 209 -13.65 -14.82 33.81
C THR B 209 -12.51 -14.07 34.49
N GLN B 210 -11.34 -14.11 33.84
CA GLN B 210 -10.15 -13.36 34.24
C GLN B 210 -10.23 -11.97 33.64
N TRP B 211 -10.77 -11.03 34.39
CA TRP B 211 -11.02 -9.64 33.91
C TRP B 211 -9.81 -8.71 34.01
N ARG B 212 -9.58 -7.95 32.94
CA ARG B 212 -8.58 -6.90 32.96
C ARG B 212 -9.22 -5.59 32.49
N PHE B 213 -8.59 -4.50 32.87
CA PHE B 213 -9.14 -3.18 32.62
C PHE B 213 -8.23 -2.32 31.83
N GLU B 214 -8.85 -1.60 30.92
CA GLU B 214 -8.23 -0.53 30.19
C GLU B 214 -9.04 0.76 30.40
N TYR B 215 -8.33 1.83 30.74
CA TYR B 215 -8.90 3.18 30.84
C TYR B 215 -8.26 4.17 29.85
N SER B 216 -9.09 4.87 29.06
CA SER B 216 -8.67 5.92 28.13
C SER B 216 -9.25 7.27 28.61
N PRO B 217 -8.38 8.25 28.90
CA PRO B 217 -8.91 9.63 28.92
C PRO B 217 -9.13 10.09 27.47
N GLU B 218 -10.34 9.89 26.98
CA GLU B 218 -10.62 10.15 25.59
C GLU B 218 -10.34 11.64 25.26
N SER B 219 -9.90 11.91 24.02
CA SER B 219 -9.40 13.20 23.58
C SER B 219 -8.20 13.64 24.43
N TYR B 220 -7.41 12.65 24.87
CA TYR B 220 -6.18 12.84 25.64
C TYR B 220 -5.34 14.01 25.12
N THR B 221 -5.15 14.10 23.82
CA THR B 221 -4.30 15.16 23.30
C THR B 221 -4.92 16.60 23.42
N GLY B 222 -6.19 16.69 23.79
CA GLY B 222 -6.79 17.97 24.11
C GLY B 222 -6.94 18.23 25.60
N THR B 223 -6.26 17.43 26.41
CA THR B 223 -6.32 17.42 27.83
C THR B 223 -5.00 17.85 28.44
N GLU B 224 -5.06 18.59 29.55
CA GLU B 224 -3.88 18.92 30.39
C GLU B 224 -3.27 17.61 30.89
N LEU B 225 -1.94 17.46 30.74
CA LEU B 225 -1.24 16.27 31.23
C LEU B 225 -1.44 16.05 32.72
N GLU B 226 -1.35 17.10 33.50
CA GLU B 226 -1.47 16.94 34.95
C GLU B 226 -2.85 16.42 35.27
N TYR B 227 -3.83 16.79 34.44
CA TYR B 227 -5.17 16.28 34.60
C TYR B 227 -5.40 14.86 34.08
N ALA B 228 -4.82 14.53 32.94
CA ALA B 228 -4.83 13.17 32.50
C ALA B 228 -4.29 12.22 33.57
N LYS B 229 -3.11 12.55 34.13
CA LYS B 229 -2.46 11.79 35.25
C LYS B 229 -3.38 11.73 36.44
N GLN B 230 -3.91 12.87 36.85
CA GLN B 230 -4.84 12.89 37.96
C GLN B 230 -6.02 11.92 37.81
N VAL B 231 -6.71 11.92 36.65
CA VAL B 231 -7.87 11.03 36.38
C VAL B 231 -7.49 9.53 36.30
N CYS B 232 -6.46 9.21 35.52
CA CYS B 232 -5.86 7.89 35.46
C CYS B 232 -5.41 7.37 36.84
N ASP B 233 -4.66 8.18 37.60
CA ASP B 233 -4.30 7.82 39.00
C ASP B 233 -5.53 7.46 39.87
N ALA B 234 -6.47 8.40 39.95
CA ALA B 234 -7.82 8.17 40.52
C ALA B 234 -8.45 6.82 40.14
N VAL B 235 -8.56 6.54 38.82
CA VAL B 235 -9.13 5.28 38.29
C VAL B 235 -8.37 4.08 38.82
N GLY B 236 -7.03 4.16 38.83
CA GLY B 236 -6.14 3.09 39.33
C GLY B 236 -6.29 2.79 40.81
N GLU B 237 -6.59 3.80 41.61
CA GLU B 237 -6.90 3.61 43.04
C GLU B 237 -8.15 2.76 43.25
N VAL B 238 -9.12 2.87 42.35
CA VAL B 238 -10.38 2.12 42.47
C VAL B 238 -10.07 0.68 42.08
N ILE B 239 -9.48 0.54 40.91
CA ILE B 239 -9.17 -0.73 40.31
C ILE B 239 -8.04 -1.44 41.01
N ALA B 240 -7.09 -0.69 41.58
CA ALA B 240 -6.01 -1.28 42.36
C ALA B 240 -5.23 -2.36 41.59
N PRO B 241 -4.48 -1.96 40.53
CA PRO B 241 -3.79 -3.02 39.85
C PRO B 241 -2.44 -3.29 40.52
N THR B 242 -1.81 -4.39 40.08
CA THR B 242 -0.53 -4.89 40.62
C THR B 242 0.41 -5.22 39.42
N PRO B 243 1.72 -5.44 39.67
CA PRO B 243 2.61 -5.79 38.53
C PRO B 243 2.17 -7.06 37.77
N GLU B 244 1.39 -7.87 38.47
CA GLU B 244 0.95 -9.14 37.97
C GLU B 244 -0.47 -9.03 37.38
N ARG B 245 -1.31 -8.18 37.96
CA ARG B 245 -2.58 -7.83 37.36
C ARG B 245 -2.57 -6.33 36.96
N PRO B 246 -1.82 -5.96 35.87
CA PRO B 246 -1.72 -4.52 35.59
C PRO B 246 -2.94 -3.94 34.91
N ILE B 247 -3.11 -2.64 35.08
CA ILE B 247 -4.10 -1.86 34.36
C ILE B 247 -3.52 -1.36 33.06
N ILE B 248 -4.34 -1.33 32.00
CA ILE B 248 -4.00 -0.52 30.81
C ILE B 248 -4.50 0.94 30.92
N PHE B 249 -3.60 1.88 30.61
CA PHE B 249 -3.97 3.30 30.42
C PHE B 249 -3.62 3.59 29.01
N ASN B 250 -4.67 3.80 28.23
CA ASN B 250 -4.58 4.08 26.84
C ASN B 250 -4.71 5.59 26.63
N LEU B 251 -3.74 6.19 25.92
CA LEU B 251 -3.72 7.65 25.71
C LEU B 251 -3.93 7.95 24.26
N PRO B 252 -5.20 8.20 23.87
CA PRO B 252 -5.52 8.39 22.45
C PRO B 252 -5.13 9.77 21.85
N ALA B 253 -4.55 9.79 20.68
CA ALA B 253 -4.62 11.07 19.93
C ALA B 253 -5.97 11.04 19.23
N THR B 254 -7.06 11.18 19.98
CA THR B 254 -8.42 11.07 19.39
C THR B 254 -8.55 11.92 18.11
N VAL B 255 -8.11 13.17 18.21
CA VAL B 255 -7.75 14.00 17.08
C VAL B 255 -6.23 14.12 17.21
N GLU B 256 -5.53 13.88 16.10
CA GLU B 256 -4.14 14.19 16.05
C GLU B 256 -3.99 15.73 15.87
N MET B 257 -3.51 16.38 16.93
CA MET B 257 -3.49 17.84 17.09
C MET B 257 -2.20 18.58 16.81
N THR B 258 -1.07 17.89 16.95
CA THR B 258 0.20 18.53 16.67
C THR B 258 1.20 17.48 16.20
N THR B 259 2.47 17.90 16.12
CA THR B 259 3.55 17.07 15.60
C THR B 259 3.90 15.89 16.54
N PRO B 260 4.40 14.76 15.99
CA PRO B 260 4.50 13.55 16.79
C PRO B 260 5.53 13.60 17.95
N ASN B 261 6.51 14.51 17.87
CA ASN B 261 7.46 14.81 18.98
C ASN B 261 6.82 15.32 20.28
N VAL B 262 5.76 16.09 20.12
CA VAL B 262 5.05 16.66 21.22
C VAL B 262 4.19 15.57 21.83
N TYR B 263 3.58 14.74 20.99
CA TYR B 263 2.87 13.55 21.49
C TYR B 263 3.83 12.64 22.29
N ALA B 264 5.01 12.36 21.69
CA ALA B 264 6.09 11.62 22.33
C ALA B 264 6.55 12.22 23.65
N ASP B 265 6.74 13.54 23.71
CA ASP B 265 7.04 14.19 25.00
C ASP B 265 5.99 13.88 26.03
N SER B 266 4.72 13.93 25.56
CA SER B 266 3.52 13.78 26.41
C SER B 266 3.49 12.38 27.03
N ILE B 267 3.86 11.38 26.23
CA ILE B 267 3.93 9.99 26.68
C ILE B 267 5.07 9.74 27.68
N GLU B 268 6.27 10.26 27.38
CA GLU B 268 7.40 10.11 28.30
C GLU B 268 7.09 10.68 29.68
N TRP B 269 6.38 11.81 29.70
CA TRP B 269 6.00 12.48 30.93
C TRP B 269 4.96 11.66 31.71
N MET B 270 3.95 11.11 31.01
CA MET B 270 2.98 10.21 31.66
C MET B 270 3.65 8.92 32.16
N SER B 271 4.61 8.42 31.41
CA SER B 271 5.34 7.21 31.77
C SER B 271 6.13 7.45 33.06
N ARG B 272 6.82 8.61 33.16
CA ARG B 272 7.56 8.97 34.36
C ARG B 272 6.71 9.35 35.57
N ASN B 273 5.52 9.88 35.35
CA ASN B 273 4.74 10.51 36.42
C ASN B 273 3.48 9.82 36.94
N LEU B 274 2.88 8.91 36.18
CA LEU B 274 1.72 8.13 36.66
C LEU B 274 2.06 7.37 37.98
N ALA B 275 1.12 7.31 38.93
CA ALA B 275 1.28 6.53 40.16
C ALA B 275 1.39 5.06 39.79
N ASN B 276 2.17 4.27 40.52
CA ASN B 276 2.11 2.81 40.38
C ASN B 276 2.48 2.33 38.98
N ARG B 277 3.56 2.90 38.42
CA ARG B 277 3.89 2.75 37.00
C ARG B 277 4.10 1.28 36.64
N GLU B 278 4.79 0.54 37.53
CA GLU B 278 5.00 -0.92 37.43
C GLU B 278 3.72 -1.75 37.39
N SER B 279 2.59 -1.14 37.75
CA SER B 279 1.28 -1.80 37.53
C SER B 279 0.49 -1.23 36.35
N VAL B 280 1.20 -0.52 35.47
CA VAL B 280 0.55 0.13 34.34
C VAL B 280 1.09 -0.42 33.04
N ILE B 281 0.22 -0.88 32.15
CA ILE B 281 0.58 -1.04 30.75
C ILE B 281 0.16 0.26 30.02
N LEU B 282 1.15 0.95 29.48
CA LEU B 282 0.96 2.24 28.87
C LEU B 282 0.71 2.07 27.38
N SER B 283 -0.49 2.46 26.97
CA SER B 283 -0.94 2.18 25.63
C SER B 283 -1.18 3.51 24.85
N LEU B 284 -0.82 3.45 23.56
CA LEU B 284 -0.99 4.54 22.58
C LEU B 284 -2.04 4.14 21.56
N HIS B 285 -2.80 5.13 21.13
CA HIS B 285 -3.94 5.02 20.26
C HIS B 285 -4.00 6.29 19.42
N PRO B 286 -3.07 6.46 18.44
CA PRO B 286 -3.01 7.59 17.46
C PRO B 286 -3.95 7.62 16.23
N HIS B 287 -4.59 8.77 15.98
CA HIS B 287 -5.30 8.97 14.71
C HIS B 287 -4.41 9.74 13.80
N ASN B 288 -4.82 9.89 12.54
CA ASN B 288 -3.94 10.38 11.50
C ASN B 288 -4.29 11.73 10.92
N ASP B 289 -4.95 12.60 11.69
CA ASP B 289 -5.50 13.91 11.17
C ASP B 289 -4.43 14.84 10.53
N ARG B 290 -3.20 14.71 11.02
CA ARG B 290 -2.06 15.45 10.47
C ARG B 290 -1.09 14.56 9.65
N GLY B 291 -1.55 13.34 9.32
CA GLY B 291 -0.78 12.36 8.55
C GLY B 291 0.48 11.83 9.21
N THR B 292 0.55 11.94 10.53
CA THR B 292 1.75 11.52 11.23
C THR B 292 1.44 10.52 12.33
N ALA B 293 0.33 9.76 12.23
CA ALA B 293 -0.01 8.73 13.21
C ALA B 293 1.11 7.66 13.44
N VAL B 294 1.77 7.18 12.37
CA VAL B 294 2.88 6.22 12.49
C VAL B 294 4.04 6.85 13.29
N ALA B 295 4.43 8.08 12.96
CA ALA B 295 5.51 8.77 13.70
C ALA B 295 5.22 8.96 15.16
N ALA B 296 4.03 9.45 15.46
CA ALA B 296 3.50 9.50 16.83
C ALA B 296 3.68 8.22 17.65
N ALA B 297 3.18 7.08 17.10
CA ALA B 297 3.28 5.76 17.71
C ALA B 297 4.75 5.32 17.87
N GLU B 298 5.60 5.59 16.89
CA GLU B 298 7.00 5.14 16.96
C GLU B 298 7.80 5.98 17.92
N LEU B 299 7.53 7.28 17.94
CA LEU B 299 8.22 8.18 18.87
C LEU B 299 7.72 7.99 20.28
N GLY B 300 6.40 7.82 20.41
CA GLY B 300 5.70 7.52 21.66
C GLY B 300 6.14 6.19 22.27
N PHE B 301 6.43 5.20 21.44
CA PHE B 301 6.94 3.94 21.91
C PHE B 301 8.34 4.11 22.50
N ALA B 302 9.25 4.79 21.79
CA ALA B 302 10.58 5.10 22.33
C ALA B 302 10.51 5.97 23.58
N ALA B 303 9.38 6.68 23.77
CA ALA B 303 9.10 7.52 24.93
C ALA B 303 8.73 6.70 26.18
N GLY B 304 8.55 5.39 26.03
CA GLY B 304 8.27 4.56 27.17
C GLY B 304 6.95 3.86 27.22
N ALA B 305 6.14 3.96 26.17
CA ALA B 305 4.92 3.16 26.11
C ALA B 305 5.22 1.68 25.90
N ASP B 306 4.22 0.86 26.23
CA ASP B 306 4.29 -0.60 26.22
C ASP B 306 3.48 -1.25 25.11
N ARG B 307 2.49 -0.51 24.60
CA ARG B 307 1.44 -1.08 23.81
C ARG B 307 0.87 -0.08 22.81
N ILE B 308 0.42 -0.60 21.67
CA ILE B 308 -0.10 0.23 20.58
C ILE B 308 -1.37 -0.36 20.07
N GLU B 309 -2.40 0.46 20.02
CA GLU B 309 -3.67 0.13 19.40
C GLU B 309 -3.76 0.71 18.00
N GLY B 310 -4.17 -0.11 17.04
CA GLY B 310 -4.37 0.32 15.70
C GLY B 310 -5.17 -0.65 14.86
N CYS B 311 -5.14 -0.40 13.55
CA CYS B 311 -5.93 -1.07 12.52
C CYS B 311 -5.01 -1.43 11.36
N LEU B 312 -5.28 -2.56 10.73
CA LEU B 312 -4.57 -2.97 9.56
C LEU B 312 -4.86 -1.97 8.46
N PHE B 313 -3.79 -1.49 7.80
CA PHE B 313 -3.90 -0.52 6.70
C PHE B 313 -4.58 0.81 7.03
N GLY B 314 -4.56 1.21 8.30
CA GLY B 314 -4.93 2.56 8.68
C GLY B 314 -6.42 2.84 8.67
N ASN B 315 -7.24 1.79 8.77
CA ASN B 315 -8.67 2.02 8.86
C ASN B 315 -8.98 2.70 10.19
N GLY B 316 -10.11 3.43 10.25
CA GLY B 316 -10.68 3.89 11.48
C GLY B 316 -11.20 5.30 11.24
N GLU B 317 -11.64 5.97 12.29
CA GLU B 317 -12.45 7.18 12.19
C GLU B 317 -11.70 8.22 11.45
N ARG B 318 -12.38 8.82 10.47
CA ARG B 318 -11.93 9.95 9.66
C ARG B 318 -10.67 9.66 8.79
N THR B 319 -9.52 10.20 9.18
CA THR B 319 -8.21 9.84 8.56
C THR B 319 -7.66 8.48 8.96
N GLY B 320 -8.30 7.82 9.95
CA GLY B 320 -7.94 6.47 10.42
C GLY B 320 -7.14 6.31 11.72
N ASN B 321 -7.11 5.10 12.26
CA ASN B 321 -6.16 4.66 13.31
C ASN B 321 -4.76 4.38 12.75
N VAL B 322 -3.72 4.44 13.58
CA VAL B 322 -2.38 4.10 13.10
C VAL B 322 -2.40 2.72 12.49
N CYS B 323 -1.74 2.63 11.33
CA CYS B 323 -1.58 1.42 10.59
C CYS B 323 -0.60 0.45 11.29
N LEU B 324 -1.15 -0.69 11.74
CA LEU B 324 -0.41 -1.79 12.31
C LEU B 324 0.58 -2.44 11.32
N VAL B 325 0.22 -2.47 10.03
CA VAL B 325 1.10 -3.07 9.01
C VAL B 325 2.39 -2.26 8.80
N THR B 326 2.25 -0.93 8.73
CA THR B 326 3.36 -0.03 8.55
C THR B 326 4.29 -0.08 9.76
N LEU B 327 3.74 0.10 10.96
CA LEU B 327 4.45 -0.07 12.22
C LEU B 327 5.18 -1.41 12.29
N GLY B 328 4.46 -2.51 12.14
CA GLY B 328 5.09 -3.82 12.23
C GLY B 328 6.14 -4.07 11.17
N LEU B 329 5.93 -3.62 9.94
CA LEU B 329 6.95 -3.85 8.89
C LEU B 329 8.09 -2.86 8.94
N ASN B 330 7.86 -1.73 9.66
CA ASN B 330 8.91 -0.75 9.94
C ASN B 330 9.90 -1.29 10.94
N LEU B 331 9.44 -2.18 11.81
CA LEU B 331 10.31 -2.92 12.75
C LEU B 331 11.07 -3.96 11.97
N PHE B 332 10.37 -4.79 11.20
CA PHE B 332 10.96 -5.85 10.38
C PHE B 332 12.19 -5.39 9.56
N SER B 333 12.05 -4.23 8.94
CA SER B 333 12.94 -3.76 7.88
C SER B 333 14.14 -3.08 8.47
N ARG B 334 14.11 -2.85 9.79
CA ARG B 334 15.27 -2.34 10.50
C ARG B 334 15.77 -3.42 11.46
N GLY B 335 15.39 -4.66 11.21
CA GLY B 335 15.94 -5.83 11.91
C GLY B 335 15.29 -6.26 13.22
N VAL B 336 14.14 -5.70 13.57
CA VAL B 336 13.40 -6.10 14.78
C VAL B 336 12.18 -6.94 14.36
N ASP B 337 12.03 -8.13 14.96
CA ASP B 337 10.88 -9.02 14.68
C ASP B 337 9.61 -8.38 15.23
N PRO B 338 8.62 -8.08 14.35
CA PRO B 338 7.33 -7.54 14.83
C PRO B 338 6.44 -8.50 15.63
N GLN B 339 6.77 -9.81 15.61
CA GLN B 339 5.98 -10.89 16.23
C GLN B 339 4.58 -11.04 15.64
N ILE B 340 4.46 -10.60 14.40
CA ILE B 340 3.24 -10.69 13.59
C ILE B 340 3.77 -11.13 12.23
N ASP B 341 3.06 -12.05 11.56
CA ASP B 341 3.43 -12.50 10.22
C ASP B 341 2.70 -11.61 9.18
N PHE B 342 3.52 -11.02 8.27
CA PHE B 342 3.16 -10.24 7.09
C PHE B 342 3.80 -10.87 5.86
N SER B 343 4.09 -12.16 5.89
CA SER B 343 4.88 -12.74 4.81
C SER B 343 4.03 -12.97 3.54
N ASN B 344 2.70 -12.82 3.64
CA ASN B 344 1.81 -12.71 2.48
C ASN B 344 0.96 -11.50 2.63
N ILE B 345 1.55 -10.35 2.33
CA ILE B 345 0.87 -9.10 2.58
C ILE B 345 -0.39 -8.92 1.71
N ASP B 346 -0.39 -9.57 0.55
CA ASP B 346 -1.58 -9.60 -0.32
C ASP B 346 -2.80 -10.34 0.16
N GLU B 347 -2.59 -11.48 0.81
CA GLU B 347 -3.63 -12.15 1.57
C GLU B 347 -4.23 -11.25 2.65
N ILE B 348 -3.37 -10.56 3.39
CA ILE B 348 -3.81 -9.57 4.34
C ILE B 348 -4.58 -8.42 3.63
N ARG B 349 -3.99 -7.75 2.64
CA ARG B 349 -4.69 -6.72 1.86
C ARG B 349 -6.09 -7.18 1.36
N ARG B 350 -6.17 -8.32 0.66
CA ARG B 350 -7.39 -8.80 0.04
C ARG B 350 -8.51 -9.00 1.08
N THR B 351 -8.12 -9.65 2.18
CA THR B 351 -8.99 -9.80 3.35
C THR B 351 -9.48 -8.49 3.95
N VAL B 352 -8.57 -7.52 4.11
CA VAL B 352 -8.91 -6.22 4.69
C VAL B 352 -9.89 -5.51 3.75
N GLU B 353 -9.68 -5.65 2.45
CA GLU B 353 -10.53 -4.96 1.48
C GLU B 353 -11.92 -5.57 1.47
N TYR B 354 -11.99 -6.90 1.48
CA TYR B 354 -13.22 -7.65 1.64
C TYR B 354 -14.00 -7.15 2.87
N CYS B 355 -13.36 -7.15 4.05
CA CYS B 355 -13.98 -6.76 5.34
C CYS B 355 -14.42 -5.31 5.47
N ASN B 356 -13.56 -4.39 5.06
CA ASN B 356 -13.85 -2.96 5.16
C ASN B 356 -14.62 -2.42 3.99
N GLN B 357 -14.52 -3.14 2.87
CA GLN B 357 -14.93 -2.62 1.55
C GLN B 357 -14.38 -1.21 1.27
N LEU B 358 -13.14 -1.01 1.71
CA LEU B 358 -12.40 0.18 1.34
C LEU B 358 -11.12 -0.35 0.81
N PRO B 359 -10.63 0.30 -0.26
CA PRO B 359 -9.42 -0.15 -0.89
C PRO B 359 -8.13 0.29 -0.11
N VAL B 360 -7.06 -0.50 -0.23
CA VAL B 360 -5.73 -0.09 0.21
C VAL B 360 -5.16 0.75 -0.91
N HIS B 361 -4.81 1.99 -0.61
CA HIS B 361 -4.26 2.89 -1.65
C HIS B 361 -3.03 2.37 -2.40
N GLU B 362 -2.94 2.68 -3.70
CA GLU B 362 -1.78 2.30 -4.54
C GLU B 362 -0.36 2.52 -3.94
N ARG B 363 -0.26 3.48 -3.04
CA ARG B 363 1.02 3.88 -2.47
C ARG B 363 1.07 3.67 -1.00
N HIS B 364 0.14 2.91 -0.42
CA HIS B 364 0.17 2.66 1.01
C HIS B 364 1.48 1.93 1.32
N PRO B 365 2.25 2.42 2.33
CA PRO B 365 3.47 1.69 2.73
C PRO B 365 3.30 0.19 2.83
N TYR B 366 4.28 -0.51 2.24
CA TYR B 366 4.40 -2.01 2.20
C TYR B 366 3.40 -2.77 1.36
N GLY B 367 2.17 -2.25 1.34
CA GLY B 367 1.04 -2.95 0.77
C GLY B 367 0.40 -2.47 -0.55
N GLY B 368 0.61 -1.21 -0.93
CA GLY B 368 -0.08 -0.65 -2.12
C GLY B 368 0.46 -1.27 -3.38
N ASP B 369 -0.36 -1.33 -4.44
CA ASP B 369 -0.04 -1.96 -5.75
C ASP B 369 1.30 -1.51 -6.29
N LEU B 370 1.69 -0.25 -6.04
CA LEU B 370 2.88 0.37 -6.69
C LEU B 370 4.15 0.38 -5.84
N VAL B 371 4.12 -0.14 -4.62
CA VAL B 371 5.31 0.04 -3.77
C VAL B 371 6.53 -0.85 -4.05
N TYR B 372 6.39 -1.89 -4.88
CA TYR B 372 7.58 -2.64 -5.31
C TYR B 372 7.89 -2.46 -6.77
N THR B 373 7.47 -1.34 -7.37
CA THR B 373 7.75 -1.07 -8.78
C THR B 373 8.84 -0.01 -8.89
N ALA B 374 9.51 -0.03 -10.04
CA ALA B 374 10.38 1.04 -10.38
C ALA B 374 10.07 1.43 -11.81
N PHE B 375 9.84 2.71 -12.03
CA PHE B 375 9.52 3.22 -13.39
C PHE B 375 10.74 3.89 -13.98
N SER B 376 11.58 4.42 -13.10
CA SER B 376 12.83 5.08 -13.48
C SER B 376 13.90 4.15 -14.08
N GLY B 377 14.38 4.47 -15.28
CA GLY B 377 15.41 3.65 -15.94
C GLY B 377 16.69 3.45 -15.12
N SER B 378 17.11 4.50 -14.43
CA SER B 378 18.33 4.45 -13.65
C SER B 378 18.12 3.74 -12.30
N HIS B 379 16.95 3.91 -11.69
CA HIS B 379 16.56 3.06 -10.57
C HIS B 379 16.57 1.57 -10.94
N GLN B 380 15.93 1.23 -12.07
CA GLN B 380 15.90 -0.14 -12.65
C GLN B 380 17.30 -0.71 -12.82
N ASP B 381 18.17 0.08 -13.44
CA ASP B 381 19.54 -0.33 -13.61
C ASP B 381 20.26 -0.53 -12.24
N ALA B 382 20.06 0.37 -11.26
CA ALA B 382 20.73 0.23 -9.96
C ALA B 382 20.20 -0.96 -9.11
N ILE B 383 18.89 -1.19 -9.17
CA ILE B 383 18.25 -2.38 -8.62
C ILE B 383 18.91 -3.66 -9.13
N ASN B 384 18.92 -3.87 -10.44
CA ASN B 384 19.69 -4.98 -11.08
C ASN B 384 21.11 -5.13 -10.63
N LYS B 385 21.87 -4.02 -10.54
CA LYS B 385 23.28 -4.07 -10.06
C LYS B 385 23.31 -4.53 -8.63
N GLY B 386 22.33 -4.10 -7.84
CA GLY B 386 22.17 -4.53 -6.44
C GLY B 386 21.88 -6.01 -6.32
N LEU B 387 20.91 -6.48 -7.08
CA LEU B 387 20.61 -7.90 -7.18
C LEU B 387 21.77 -8.78 -7.68
N ASP B 388 22.46 -8.37 -8.74
CA ASP B 388 23.62 -9.12 -9.24
C ASP B 388 24.70 -9.24 -8.21
N ALA B 389 24.96 -8.14 -7.49
CA ALA B 389 26.03 -8.07 -6.50
C ALA B 389 25.71 -8.97 -5.32
N MET B 390 24.45 -8.95 -4.89
CA MET B 390 23.96 -9.87 -3.86
C MET B 390 24.13 -11.32 -4.25
N LYS B 391 23.84 -11.62 -5.51
CA LYS B 391 24.01 -12.98 -6.05
C LYS B 391 25.48 -13.39 -6.09
N LEU B 392 26.39 -12.54 -6.58
CA LEU B 392 27.81 -12.91 -6.54
C LEU B 392 28.32 -13.23 -5.11
N ASP B 393 27.75 -12.58 -4.10
CA ASP B 393 28.21 -12.78 -2.71
C ASP B 393 27.72 -14.10 -2.07
N ALA B 394 26.61 -14.63 -2.58
CA ALA B 394 25.97 -15.84 -2.06
C ALA B 394 26.70 -17.03 -2.63
N ASP B 395 27.01 -16.96 -3.93
CA ASP B 395 27.88 -17.93 -4.62
C ASP B 395 29.28 -18.00 -3.99
N ALA B 396 29.88 -16.84 -3.72
CA ALA B 396 31.19 -16.81 -3.09
C ALA B 396 31.18 -17.47 -1.72
N ALA B 397 30.00 -17.47 -1.06
CA ALA B 397 29.83 -17.99 0.30
C ALA B 397 29.06 -19.30 0.41
N ASP B 398 28.80 -19.94 -0.74
CA ASP B 398 27.91 -21.15 -0.86
C ASP B 398 26.62 -21.01 -0.01
N CYS B 399 25.90 -19.88 -0.21
CA CYS B 399 24.68 -19.48 0.55
C CYS B 399 23.49 -19.22 -0.29
N ASP B 400 22.30 -19.37 0.29
CA ASP B 400 21.11 -18.93 -0.42
C ASP B 400 21.06 -17.38 -0.35
N VAL B 401 21.05 -16.76 -1.53
CA VAL B 401 20.90 -15.33 -1.65
C VAL B 401 19.64 -14.88 -0.91
N ASP B 402 18.56 -15.65 -0.95
CA ASP B 402 17.34 -15.30 -0.17
C ASP B 402 17.55 -15.29 1.35
N ASP B 403 18.74 -15.75 1.80
CA ASP B 403 19.01 -15.79 3.24
C ASP B 403 19.88 -14.67 3.76
N MET B 404 20.41 -13.88 2.83
CA MET B 404 21.48 -12.95 3.13
C MET B 404 21.01 -11.50 3.20
N LEU B 405 21.87 -10.68 3.83
CA LEU B 405 21.67 -9.26 4.07
C LEU B 405 21.15 -8.57 2.83
N TRP B 406 19.93 -8.05 2.89
CA TRP B 406 19.32 -7.36 1.71
C TRP B 406 20.09 -6.04 1.45
N GLN B 407 20.64 -5.97 0.23
CA GLN B 407 21.46 -4.84 -0.22
C GLN B 407 21.10 -4.43 -1.65
N VAL B 408 19.95 -3.80 -1.82
CA VAL B 408 19.43 -3.39 -3.13
C VAL B 408 18.94 -1.94 -3.05
N PRO B 409 19.54 -1.04 -3.87
CA PRO B 409 19.07 0.36 -3.82
C PRO B 409 17.57 0.41 -4.18
N TYR B 410 16.90 1.44 -3.64
CA TYR B 410 15.47 1.77 -3.91
C TYR B 410 14.42 0.80 -3.35
N LEU B 411 14.85 -0.34 -2.82
CA LEU B 411 13.91 -1.30 -2.27
C LEU B 411 14.29 -1.54 -0.83
N PRO B 412 13.57 -0.91 0.14
CA PRO B 412 13.82 -1.13 1.58
C PRO B 412 13.78 -2.59 2.02
N ILE B 413 12.94 -3.41 1.39
CA ILE B 413 12.89 -4.84 1.70
C ILE B 413 12.87 -5.67 0.46
N ASP B 414 13.25 -6.94 0.62
CA ASP B 414 13.02 -7.92 -0.45
C ASP B 414 11.50 -8.14 -0.60
N PRO B 415 10.93 -7.79 -1.79
CA PRO B 415 9.47 -7.90 -1.87
C PRO B 415 9.04 -9.36 -1.61
N ARG B 416 9.89 -10.31 -1.98
CA ARG B 416 9.59 -11.73 -1.76
C ARG B 416 9.35 -12.04 -0.33
N ASP B 417 9.84 -11.19 0.58
CA ASP B 417 9.73 -11.45 2.03
C ASP B 417 8.35 -11.15 2.56
N VAL B 418 7.54 -10.47 1.73
CA VAL B 418 6.11 -10.19 1.97
C VAL B 418 5.22 -10.85 0.88
N GLY B 419 5.81 -11.73 0.08
CA GLY B 419 5.07 -12.52 -0.89
C GLY B 419 4.86 -11.71 -2.13
N ARG B 420 5.56 -10.57 -2.27
CA ARG B 420 5.46 -9.70 -3.47
C ARG B 420 6.64 -9.89 -4.46
N THR B 421 6.61 -9.21 -5.60
CA THR B 421 7.61 -9.34 -6.68
C THR B 421 7.99 -7.93 -7.12
N TYR B 422 9.29 -7.68 -7.29
CA TYR B 422 9.77 -6.42 -7.86
C TYR B 422 9.30 -6.30 -9.31
N GLU B 423 8.94 -5.11 -9.74
CA GLU B 423 8.48 -4.95 -11.09
C GLU B 423 9.07 -3.69 -11.75
N ALA B 424 9.95 -3.93 -12.74
CA ALA B 424 10.43 -2.87 -13.63
C ALA B 424 9.34 -2.62 -14.62
N VAL B 425 8.68 -1.48 -14.54
CA VAL B 425 7.49 -1.17 -15.33
C VAL B 425 7.99 -0.43 -16.51
N ILE B 426 7.67 -0.91 -17.71
CA ILE B 426 8.18 -0.25 -18.92
C ILE B 426 7.10 0.58 -19.54
N ARG B 427 7.50 1.69 -20.15
CA ARG B 427 6.56 2.54 -20.87
C ARG B 427 6.34 2.20 -22.36
N VAL B 428 5.07 1.92 -22.68
CA VAL B 428 4.64 1.66 -24.05
C VAL B 428 3.84 2.82 -24.71
N ASN B 429 4.47 3.51 -25.69
CA ASN B 429 3.79 4.42 -26.67
C ASN B 429 2.54 3.81 -27.36
N LYS B 434 -4.07 4.21 -23.26
CA LYS B 434 -3.46 4.34 -24.59
C LYS B 434 -2.00 3.81 -24.57
N GLY B 435 -1.61 3.24 -23.41
CA GLY B 435 -0.28 2.63 -23.16
C GLY B 435 -0.31 1.55 -22.07
N GLY B 436 0.87 1.00 -21.74
CA GLY B 436 0.99 -0.08 -20.75
C GLY B 436 1.03 -1.43 -21.45
N VAL B 437 1.96 -2.29 -21.01
CA VAL B 437 2.13 -3.64 -21.57
C VAL B 437 0.85 -4.48 -21.52
N ALA B 438 0.29 -4.66 -20.33
CA ALA B 438 -0.96 -5.40 -20.17
C ALA B 438 -2.04 -4.95 -21.15
N TYR B 439 -2.35 -3.65 -21.09
CA TYR B 439 -3.36 -3.03 -21.95
C TYR B 439 -3.11 -3.19 -23.48
N ILE B 440 -1.90 -2.98 -23.97
CA ILE B 440 -1.57 -3.16 -25.39
C ILE B 440 -1.65 -4.64 -25.90
N MET B 441 -1.23 -5.59 -25.05
CA MET B 441 -1.30 -7.01 -25.39
C MET B 441 -2.73 -7.44 -25.58
N LYS B 442 -3.64 -7.03 -24.68
CA LYS B 442 -5.05 -7.47 -24.78
C LYS B 442 -5.71 -6.88 -26.00
N THR B 443 -5.54 -5.57 -26.19
CA THR B 443 -6.09 -4.83 -27.32
C THR B 443 -5.42 -5.16 -28.66
N ASP B 444 -4.09 -5.11 -28.79
CA ASP B 444 -3.47 -5.35 -30.10
C ASP B 444 -3.38 -6.82 -30.49
N HIS B 445 -3.35 -7.70 -29.50
CA HIS B 445 -3.03 -9.10 -29.76
C HIS B 445 -3.96 -10.06 -29.09
N GLY B 446 -4.95 -9.54 -28.38
CA GLY B 446 -5.95 -10.34 -27.67
C GLY B 446 -5.46 -11.27 -26.55
N LEU B 447 -4.32 -10.97 -25.93
CA LEU B 447 -3.82 -11.75 -24.80
C LEU B 447 -3.99 -11.05 -23.43
N SER B 448 -4.68 -11.72 -22.52
CA SER B 448 -4.70 -11.31 -21.14
C SER B 448 -3.55 -11.99 -20.41
N LEU B 449 -2.38 -11.36 -20.37
CA LEU B 449 -1.24 -11.96 -19.64
C LEU B 449 -1.50 -12.06 -18.14
N PRO B 450 -1.24 -13.24 -17.54
CA PRO B 450 -1.15 -13.37 -16.09
C PRO B 450 -0.20 -12.32 -15.48
N ARG B 451 -0.58 -11.75 -14.33
CA ARG B 451 0.24 -10.66 -13.73
C ARG B 451 1.75 -10.97 -13.69
N ARG B 452 2.10 -12.19 -13.28
CA ARG B 452 3.47 -12.57 -13.10
C ARG B 452 4.20 -12.73 -14.44
N LEU B 453 3.46 -13.07 -15.51
CA LEU B 453 4.00 -13.05 -16.88
C LEU B 453 4.33 -11.59 -17.28
N GLN B 454 3.38 -10.68 -17.07
CA GLN B 454 3.62 -9.24 -17.32
C GLN B 454 4.91 -8.79 -16.67
N ILE B 455 5.08 -9.09 -15.38
CA ILE B 455 6.30 -8.70 -14.65
C ILE B 455 7.55 -9.28 -15.34
N GLU B 456 7.48 -10.58 -15.63
CA GLU B 456 8.62 -11.30 -16.18
C GLU B 456 9.03 -10.73 -17.50
N PHE B 457 8.03 -10.46 -18.34
CA PHE B 457 8.26 -9.94 -19.69
C PHE B 457 8.72 -8.46 -19.62
N SER B 458 8.12 -7.70 -18.72
CA SER B 458 8.64 -6.34 -18.46
C SER B 458 10.16 -6.33 -18.25
N GLN B 459 10.65 -7.30 -17.48
CA GLN B 459 12.05 -7.44 -17.12
C GLN B 459 12.90 -7.78 -18.35
N VAL B 460 12.32 -8.57 -19.25
CA VAL B 460 12.91 -8.88 -20.58
C VAL B 460 13.17 -7.62 -21.39
N ILE B 461 12.14 -6.80 -21.57
CA ILE B 461 12.28 -5.47 -22.17
C ILE B 461 13.32 -4.59 -21.46
N GLN B 462 13.27 -4.56 -20.13
CA GLN B 462 14.16 -3.70 -19.37
C GLN B 462 15.61 -4.07 -19.67
N LYS B 463 15.91 -5.37 -19.66
CA LYS B 463 17.26 -5.90 -19.98
C LYS B 463 17.71 -5.60 -21.42
N VAL B 475 9.60 2.50 -25.84
CA VAL B 475 9.05 1.28 -26.46
C VAL B 475 7.70 1.42 -27.17
N SER B 476 7.70 1.08 -28.47
CA SER B 476 6.51 1.09 -29.29
C SER B 476 5.82 -0.27 -29.16
N PRO B 477 4.48 -0.30 -29.43
CA PRO B 477 3.71 -1.53 -29.60
C PRO B 477 4.43 -2.63 -30.41
N LYS B 478 5.10 -2.22 -31.51
CA LYS B 478 5.81 -3.16 -32.38
C LYS B 478 7.05 -3.73 -31.74
N GLU B 479 7.83 -2.90 -31.06
CA GLU B 479 9.06 -3.36 -30.43
C GLU B 479 8.68 -4.37 -29.35
N MET B 480 7.67 -4.03 -28.56
CA MET B 480 7.10 -4.84 -27.48
C MET B 480 6.57 -6.17 -28.02
N TRP B 481 5.66 -6.09 -29.00
CA TRP B 481 5.17 -7.31 -29.67
C TRP B 481 6.25 -8.22 -30.26
N ASP B 482 7.18 -7.65 -31.01
CA ASP B 482 8.28 -8.41 -31.58
C ASP B 482 9.20 -9.03 -30.52
N ALA B 483 9.44 -8.28 -29.43
CA ALA B 483 10.24 -8.73 -28.29
C ALA B 483 9.57 -9.97 -27.67
N PHE B 484 8.23 -9.84 -27.52
CA PHE B 484 7.33 -10.89 -27.05
C PHE B 484 7.37 -12.20 -27.91
N ALA B 485 7.17 -12.06 -29.23
CA ALA B 485 7.31 -13.15 -30.19
C ALA B 485 8.71 -13.77 -30.08
N GLU B 486 9.73 -12.93 -29.90
CA GLU B 486 11.12 -13.44 -29.86
C GLU B 486 11.37 -14.26 -28.58
N GLU B 487 10.79 -13.82 -27.48
CA GLU B 487 10.96 -14.54 -26.21
C GLU B 487 10.18 -15.83 -26.11
N TYR B 488 8.89 -15.76 -26.42
CA TYR B 488 7.95 -16.80 -26.02
C TYR B 488 7.38 -17.65 -27.16
N LEU B 489 7.36 -17.10 -28.40
CA LEU B 489 6.63 -17.72 -29.53
C LEU B 489 7.52 -18.43 -30.53
N ALA B 490 8.65 -17.80 -30.84
CA ALA B 490 9.54 -18.17 -31.94
C ALA B 490 10.49 -19.34 -31.71
N PRO B 491 11.14 -19.43 -30.54
CA PRO B 491 12.19 -20.46 -30.33
C PRO B 491 11.80 -21.93 -30.59
N VAL B 492 12.65 -22.61 -31.35
CA VAL B 492 12.46 -24.00 -31.75
C VAL B 492 13.68 -24.77 -31.23
N ARG B 493 14.59 -24.06 -30.57
CA ARG B 493 15.73 -24.68 -29.87
C ARG B 493 15.79 -24.22 -28.38
N PRO B 494 16.22 -25.09 -27.44
CA PRO B 494 16.58 -26.52 -27.52
C PRO B 494 15.49 -27.43 -27.99
N LEU B 495 14.28 -27.25 -27.48
CA LEU B 495 13.22 -28.18 -27.79
C LEU B 495 12.30 -27.67 -28.88
N GLU B 496 11.92 -28.55 -29.79
CA GLU B 496 10.81 -28.24 -30.69
C GLU B 496 9.84 -29.39 -30.70
N ARG B 497 8.56 -29.13 -30.93
CA ARG B 497 7.56 -30.19 -30.98
C ARG B 497 6.91 -30.31 -32.38
N ILE B 498 7.17 -31.45 -33.04
CA ILE B 498 6.58 -31.71 -34.35
C ILE B 498 5.08 -32.08 -34.20
N ARG B 499 4.82 -33.29 -33.69
CA ARG B 499 3.46 -33.81 -33.55
C ARG B 499 3.41 -34.75 -32.34
N GLN B 500 2.19 -35.16 -31.96
CA GLN B 500 1.93 -36.08 -30.83
C GLN B 500 0.59 -36.81 -30.93
N HIS B 501 0.53 -38.03 -30.38
CA HIS B 501 -0.75 -38.73 -30.15
C HIS B 501 -1.07 -38.73 -28.62
N VAL B 502 -2.23 -38.14 -28.30
CA VAL B 502 -2.77 -38.11 -26.93
C VAL B 502 -3.86 -39.19 -26.77
N ASP B 503 -3.66 -40.14 -25.84
CA ASP B 503 -4.66 -41.20 -25.53
C ASP B 503 -5.37 -40.98 -24.18
N ALA B 504 -6.43 -40.17 -24.20
CA ALA B 504 -7.26 -39.85 -23.03
C ALA B 504 -8.14 -41.02 -22.58
N ALA B 505 -8.28 -41.24 -21.26
CA ALA B 505 -9.27 -42.19 -20.76
C ALA B 505 -10.62 -41.61 -21.08
N ASP B 506 -11.61 -42.44 -21.39
CA ASP B 506 -12.96 -41.98 -21.64
C ASP B 506 -13.63 -41.54 -20.35
N ASP B 507 -13.31 -42.28 -19.30
CA ASP B 507 -13.94 -42.14 -18.01
C ASP B 507 -13.23 -41.06 -17.22
N ASP B 508 -14.02 -40.31 -16.45
CA ASP B 508 -13.49 -39.22 -15.60
C ASP B 508 -12.46 -39.72 -14.58
N GLY B 509 -11.38 -38.95 -14.47
CA GLY B 509 -10.30 -39.26 -13.56
C GLY B 509 -9.47 -40.45 -14.01
N GLY B 510 -9.57 -40.81 -15.29
CA GLY B 510 -8.58 -41.70 -15.90
C GLY B 510 -7.27 -41.03 -16.39
N THR B 511 -6.30 -41.87 -16.71
CA THR B 511 -4.98 -41.45 -17.18
C THR B 511 -5.03 -41.03 -18.66
N THR B 512 -4.30 -39.99 -19.04
CA THR B 512 -4.08 -39.71 -20.45
C THR B 512 -2.68 -40.20 -20.60
N SER B 513 -2.26 -40.64 -21.79
CA SER B 513 -0.87 -40.98 -22.03
C SER B 513 -0.51 -40.25 -23.29
N ILE B 514 0.78 -40.11 -23.58
CA ILE B 514 1.20 -39.34 -24.75
C ILE B 514 2.45 -39.93 -25.44
N THR B 515 2.39 -40.11 -26.76
CA THR B 515 3.65 -40.19 -27.51
C THR B 515 3.74 -38.93 -28.35
N ALA B 516 4.95 -38.36 -28.36
CA ALA B 516 5.21 -37.15 -29.12
C ALA B 516 6.51 -37.27 -29.89
N THR B 517 6.51 -36.71 -31.09
CA THR B 517 7.73 -36.55 -31.89
C THR B 517 8.28 -35.13 -31.65
N VAL B 518 9.54 -35.05 -31.21
CA VAL B 518 10.21 -33.79 -30.79
C VAL B 518 11.68 -33.70 -31.28
N LYS B 519 12.12 -32.50 -31.66
CA LYS B 519 13.50 -32.27 -32.13
C LYS B 519 14.29 -31.68 -31.00
N ILE B 520 15.21 -32.45 -30.42
CA ILE B 520 16.04 -31.90 -29.34
C ILE B 520 17.38 -31.41 -29.87
N ASN B 521 17.52 -30.09 -29.92
CA ASN B 521 18.60 -29.40 -30.67
C ASN B 521 18.68 -29.93 -32.09
N GLY B 522 17.54 -29.95 -32.78
CA GLY B 522 17.47 -30.46 -34.15
C GLY B 522 17.40 -31.99 -34.33
N VAL B 523 17.86 -32.78 -33.35
CA VAL B 523 17.80 -34.24 -33.44
C VAL B 523 16.39 -34.74 -33.08
N GLU B 524 15.68 -35.36 -34.04
CA GLU B 524 14.34 -35.91 -33.80
C GLU B 524 14.43 -37.09 -32.82
N THR B 525 13.73 -37.00 -31.68
CA THR B 525 13.56 -38.10 -30.72
C THR B 525 12.05 -38.45 -30.58
N GLU B 526 11.74 -39.55 -29.88
CA GLU B 526 10.35 -39.89 -29.52
C GLU B 526 10.17 -39.99 -27.99
N ILE B 527 9.09 -39.42 -27.47
CA ILE B 527 8.90 -39.32 -25.98
C ILE B 527 7.57 -39.87 -25.44
N SER B 528 7.59 -40.24 -24.16
CA SER B 528 6.50 -40.97 -23.51
C SER B 528 6.25 -40.64 -22.04
N GLY B 529 4.98 -40.39 -21.73
CA GLY B 529 4.55 -40.25 -20.35
C GLY B 529 3.06 -40.33 -20.24
N SER B 530 2.61 -40.33 -19.01
CA SER B 530 1.21 -40.43 -18.67
C SER B 530 0.95 -39.40 -17.62
N GLY B 531 -0.30 -38.99 -17.47
CA GLY B 531 -0.71 -37.98 -16.50
C GLY B 531 -2.21 -37.85 -16.52
N ASN B 532 -2.73 -36.81 -15.86
CA ASN B 532 -4.19 -36.72 -15.64
C ASN B 532 -4.89 -35.97 -16.76
N GLY B 533 -4.08 -35.46 -17.67
CA GLY B 533 -4.55 -34.79 -18.85
C GLY B 533 -3.32 -34.79 -19.71
N PRO B 534 -3.43 -34.33 -20.96
CA PRO B 534 -2.30 -34.48 -21.84
C PRO B 534 -1.20 -33.49 -21.47
N LEU B 535 -1.56 -32.39 -20.79
CA LEU B 535 -0.58 -31.45 -20.27
C LEU B 535 0.46 -32.14 -19.33
N ALA B 536 -0.06 -32.80 -18.31
CA ALA B 536 0.76 -33.50 -17.31
C ALA B 536 1.57 -34.62 -17.94
N ALA B 537 0.97 -35.28 -18.92
CA ALA B 537 1.53 -36.41 -19.63
C ALA B 537 2.70 -35.92 -20.46
N PHE B 538 2.43 -34.87 -21.23
CA PHE B 538 3.47 -34.21 -22.00
C PHE B 538 4.64 -33.74 -21.12
N VAL B 539 4.33 -33.11 -19.99
CA VAL B 539 5.33 -32.73 -18.98
C VAL B 539 6.15 -33.97 -18.47
N HIS B 540 5.49 -35.10 -18.27
CA HIS B 540 6.20 -36.29 -17.80
C HIS B 540 7.01 -36.97 -18.85
N ALA B 541 6.52 -36.89 -20.10
CA ALA B 541 7.23 -37.29 -21.33
C ALA B 541 8.62 -36.65 -21.48
N LEU B 542 8.70 -35.36 -21.14
CA LEU B 542 9.91 -34.54 -21.32
C LEU B 542 11.06 -34.85 -20.35
N ALA B 543 10.75 -35.48 -19.21
CA ALA B 543 11.70 -35.89 -18.16
C ALA B 543 12.67 -37.01 -18.57
N ASP B 544 12.24 -37.79 -19.57
CA ASP B 544 13.07 -38.82 -20.21
C ASP B 544 14.04 -38.21 -21.18
N VAL B 545 13.91 -36.91 -21.45
CA VAL B 545 14.83 -36.25 -22.35
C VAL B 545 15.64 -35.10 -21.71
N GLY B 546 15.63 -35.07 -20.37
CA GLY B 546 16.48 -34.17 -19.59
C GLY B 546 15.93 -32.77 -19.37
N PHE B 547 14.61 -32.65 -19.41
CA PHE B 547 13.90 -31.42 -19.00
C PHE B 547 13.01 -31.79 -17.82
N ASP B 548 13.30 -31.18 -16.66
CA ASP B 548 12.42 -31.35 -15.52
C ASP B 548 11.53 -30.11 -15.47
N VAL B 549 10.27 -30.30 -15.82
CA VAL B 549 9.35 -29.21 -15.96
C VAL B 549 8.32 -29.41 -14.85
N ALA B 550 8.38 -28.55 -13.84
CA ALA B 550 7.43 -28.62 -12.75
C ALA B 550 6.40 -27.48 -12.79
N VAL B 551 5.19 -27.78 -13.31
CA VAL B 551 4.12 -26.82 -13.49
C VAL B 551 3.71 -26.30 -12.14
N LEU B 552 3.74 -24.97 -12.03
CA LEU B 552 3.41 -24.21 -10.82
C LEU B 552 2.03 -23.58 -10.97
N ASP B 553 1.68 -23.17 -12.20
CA ASP B 553 0.48 -22.44 -12.47
C ASP B 553 0.14 -22.57 -13.95
N TYR B 554 -1.12 -22.31 -14.29
CA TYR B 554 -1.63 -22.50 -15.64
C TYR B 554 -2.92 -21.70 -15.87
N TYR B 555 -3.04 -21.05 -17.04
CA TYR B 555 -4.22 -20.25 -17.40
C TYR B 555 -4.52 -20.43 -18.86
N GLU B 556 -5.79 -20.36 -19.23
CA GLU B 556 -6.11 -20.36 -20.62
C GLU B 556 -7.29 -19.45 -20.87
N HIS B 557 -7.32 -18.82 -22.05
CA HIS B 557 -8.48 -18.04 -22.46
C HIS B 557 -8.73 -18.16 -23.98
N ALA B 558 -9.98 -18.02 -24.36
CA ALA B 558 -10.38 -17.80 -25.75
C ALA B 558 -9.73 -16.55 -26.38
N MET B 559 -9.34 -16.67 -27.64
CA MET B 559 -9.19 -15.53 -28.56
C MET B 559 -10.09 -15.64 -29.80
N SER B 560 -10.83 -14.57 -30.11
CA SER B 560 -11.82 -14.60 -31.20
C SER B 560 -12.89 -15.71 -30.94
N ALA B 561 -13.87 -15.86 -31.85
CA ALA B 561 -14.89 -16.89 -31.69
C ALA B 561 -15.35 -17.41 -33.04
N GLY B 562 -15.70 -18.70 -33.09
CA GLY B 562 -16.18 -19.34 -34.31
C GLY B 562 -15.19 -20.35 -34.86
N ASP B 563 -14.88 -20.22 -36.15
CA ASP B 563 -13.89 -21.11 -36.78
C ASP B 563 -12.54 -20.35 -36.86
N ASP B 564 -12.61 -19.02 -36.67
CA ASP B 564 -11.40 -18.24 -36.40
C ASP B 564 -11.26 -17.96 -34.88
N ALA B 565 -11.46 -19.02 -34.08
CA ALA B 565 -11.31 -18.97 -32.64
C ALA B 565 -10.05 -19.70 -32.22
N GLN B 566 -9.26 -19.07 -31.36
CA GLN B 566 -8.04 -19.68 -30.83
C GLN B 566 -7.98 -19.67 -29.32
N ALA B 567 -7.02 -20.42 -28.79
CA ALA B 567 -6.77 -20.52 -27.37
C ALA B 567 -5.41 -19.93 -26.98
N ALA B 568 -5.35 -19.10 -25.93
CA ALA B 568 -4.07 -18.68 -25.41
C ALA B 568 -3.89 -19.43 -24.13
N ALA B 569 -2.76 -20.12 -24.01
CA ALA B 569 -2.39 -20.84 -22.80
C ALA B 569 -1.09 -20.30 -22.25
N TYR B 570 -1.04 -20.17 -20.92
CA TYR B 570 0.15 -19.67 -20.20
C TYR B 570 0.48 -20.65 -19.10
N VAL B 571 1.75 -21.05 -19.03
CA VAL B 571 2.20 -22.04 -18.05
C VAL B 571 3.39 -21.46 -17.34
N GLU B 572 3.30 -21.50 -16.01
CA GLU B 572 4.42 -21.25 -15.13
C GLU B 572 5.00 -22.58 -14.64
N ALA B 573 6.32 -22.69 -14.70
CA ALA B 573 6.99 -23.92 -14.33
C ALA B 573 8.38 -23.64 -13.74
N SER B 574 8.79 -24.45 -12.78
CA SER B 574 10.22 -24.50 -12.44
C SER B 574 10.87 -25.55 -13.34
N VAL B 575 11.81 -25.11 -14.19
CA VAL B 575 12.41 -25.95 -15.21
C VAL B 575 13.89 -26.16 -14.90
N THR B 576 14.35 -27.41 -15.04
CA THR B 576 15.78 -27.83 -14.90
C THR B 576 16.19 -28.61 -16.15
N ILE B 577 17.38 -28.30 -16.67
CA ILE B 577 17.82 -28.88 -17.91
C ILE B 577 19.21 -29.47 -17.67
N ALA B 578 19.49 -30.56 -18.40
CA ALA B 578 20.64 -31.45 -18.16
C ALA B 578 21.99 -30.99 -18.80
N THR B 614 21.02 -26.50 -11.39
CA THR B 614 20.55 -25.36 -12.18
C THR B 614 19.01 -25.36 -12.47
N SER B 615 18.17 -24.76 -11.61
CA SER B 615 16.71 -24.66 -11.95
C SER B 615 16.08 -23.24 -11.90
N LYS B 616 15.30 -22.91 -12.92
CA LYS B 616 14.79 -21.53 -13.15
C LYS B 616 13.27 -21.50 -13.34
N THR B 617 12.62 -20.58 -12.63
CA THR B 617 11.19 -20.30 -12.81
C THR B 617 10.94 -19.38 -14.02
N VAL B 618 10.18 -19.91 -14.98
CA VAL B 618 9.80 -19.21 -16.21
C VAL B 618 8.32 -19.45 -16.60
N TRP B 619 7.77 -18.50 -17.38
CA TRP B 619 6.52 -18.69 -18.10
C TRP B 619 6.79 -19.11 -19.53
N GLY B 620 5.78 -19.75 -20.11
CA GLY B 620 5.74 -20.13 -21.50
C GLY B 620 4.35 -19.78 -21.98
N VAL B 621 4.24 -19.37 -23.25
CA VAL B 621 2.95 -18.98 -23.81
C VAL B 621 2.71 -19.87 -25.01
N GLY B 622 1.48 -20.34 -25.17
CA GLY B 622 1.17 -21.08 -26.37
C GLY B 622 -0.15 -20.64 -26.91
N ILE B 623 -0.19 -20.52 -28.24
CA ILE B 623 -1.41 -20.11 -28.97
C ILE B 623 -1.83 -21.16 -30.04
N ALA B 624 -3.08 -21.63 -30.05
CA ALA B 624 -3.47 -22.66 -31.05
C ALA B 624 -4.97 -22.74 -31.14
N PRO B 625 -5.49 -23.35 -32.23
CA PRO B 625 -6.95 -23.51 -32.37
C PRO B 625 -7.53 -24.44 -31.32
N SER B 626 -6.75 -25.42 -30.86
CA SER B 626 -7.16 -26.37 -29.83
C SER B 626 -6.75 -25.86 -28.44
N ILE B 627 -7.66 -25.95 -27.46
CA ILE B 627 -7.29 -25.74 -26.05
C ILE B 627 -6.22 -26.74 -25.59
N THR B 628 -6.15 -27.89 -26.24
CA THR B 628 -5.20 -28.87 -25.85
C THR B 628 -3.86 -28.49 -26.38
N THR B 629 -3.77 -28.25 -27.68
CA THR B 629 -2.46 -27.92 -28.29
C THR B 629 -1.87 -26.57 -27.87
N ALA B 630 -2.72 -25.61 -27.52
CA ALA B 630 -2.25 -24.34 -26.94
C ALA B 630 -1.41 -24.60 -25.67
N SER B 631 -1.95 -25.48 -24.81
CA SER B 631 -1.33 -25.78 -23.54
C SER B 631 -0.01 -26.48 -23.75
N LEU B 632 0.06 -27.32 -24.79
CA LEU B 632 1.27 -28.05 -25.12
C LEU B 632 2.33 -27.09 -25.62
N ARG B 633 1.91 -26.08 -26.37
CA ARG B 633 2.82 -25.05 -26.91
C ARG B 633 3.45 -24.25 -25.80
N ALA B 634 2.61 -23.91 -24.83
CA ALA B 634 2.98 -23.21 -23.61
C ALA B 634 4.14 -23.90 -22.89
N VAL B 635 4.08 -25.22 -22.81
CA VAL B 635 5.12 -25.98 -22.14
C VAL B 635 6.43 -25.88 -22.92
N VAL B 636 6.35 -25.99 -24.24
CA VAL B 636 7.51 -25.80 -25.07
C VAL B 636 8.05 -24.37 -24.92
N SER B 637 7.19 -23.33 -25.04
CA SER B 637 7.63 -21.95 -24.79
C SER B 637 8.38 -21.83 -23.45
N ALA B 638 7.84 -22.43 -22.40
CA ALA B 638 8.49 -22.44 -21.09
C ALA B 638 9.87 -23.10 -21.08
N VAL B 639 9.96 -24.34 -21.55
CA VAL B 639 11.25 -25.04 -21.63
C VAL B 639 12.28 -24.17 -22.40
N ASN B 640 11.86 -23.61 -23.55
CA ASN B 640 12.77 -22.82 -24.33
C ASN B 640 13.13 -21.47 -23.70
N ARG B 641 12.24 -20.82 -22.93
CA ARG B 641 12.62 -19.55 -22.25
C ARG B 641 13.67 -19.76 -21.19
N ALA B 642 13.57 -20.89 -20.48
CA ALA B 642 14.59 -21.32 -19.52
C ALA B 642 16.00 -21.59 -20.11
N ALA B 643 16.10 -21.74 -21.43
CA ALA B 643 17.38 -22.06 -22.13
C ALA B 643 18.00 -20.89 -22.95
#